data_8Z63
#
_entry.id   8Z63
#
_cell.length_a   52.061
_cell.length_b   79.822
_cell.length_c   89.724
_cell.angle_alpha   90.00
_cell.angle_beta   98.85
_cell.angle_gamma   90.00
#
_symmetry.space_group_name_H-M   'P 1 21 1'
#
_entity_poly.entity_id   1
_entity_poly.type   'polypeptide(L)'
_entity_poly.pdbx_seq_one_letter_code
;MPIQNINRRSLLCSGAATTAALAVSPSVFGDSAVPSYLKDYAALYKKDPRAAALQYFKEAKFGLFIHYGLYSLLGRGEWV
QLQGKIPVREYAKLENDFTAKNFDADFITDMALEAGMKYVNITTRHHDSFCLFESKYTDFTSTNSPAKRDLVAELAEECR
KKGLGFYLYYSHGRDWRHPHAPNNGDWGGNARPKYDSPEPFYKYGEDQDLQIYVEFMKNQITELLTNYGPVGGIWLDGVA
TPASRKGKLHLFETQELYDHIHSLQPQVLVSYKQGLIGTEDFKAPERHFKGTSDVPLEFCDTLQPWKWGYDKSLDGKHKT
ADQVMEMLSKANKMDANLLLNVGPLPDGSIHPEDVKTLAEVGRKLKAHHHHHH
;
_entity_poly.pdbx_strand_id   A,B
#
# COMPACT_ATOMS: atom_id res chain seq x y z
N SER A 32 11.77 26.61 5.49
CA SER A 32 11.21 25.98 6.72
C SER A 32 9.75 26.40 6.91
N ALA A 33 9.50 27.56 7.53
CA ALA A 33 8.11 28.05 7.69
C ALA A 33 7.44 28.06 6.32
N VAL A 34 8.23 28.23 5.25
CA VAL A 34 7.68 28.17 3.87
C VAL A 34 7.32 26.71 3.59
N PRO A 35 6.03 26.37 3.43
CA PRO A 35 5.63 25.01 3.15
C PRO A 35 6.17 24.53 1.79
N SER A 36 6.47 23.24 1.67
CA SER A 36 7.06 22.69 0.42
C SER A 36 6.25 23.11 -0.81
N TYR A 37 4.93 22.93 -0.75
CA TYR A 37 4.10 23.21 -1.96
C TYR A 37 4.49 24.56 -2.56
N LEU A 38 4.80 25.54 -1.71
CA LEU A 38 5.13 26.89 -2.20
C LEU A 38 6.56 27.24 -1.76
N LYS A 39 7.55 26.50 -2.27
CA LYS A 39 8.97 26.72 -1.90
C LYS A 39 9.66 27.55 -2.97
N ASP A 40 9.07 27.63 -4.16
CA ASP A 40 9.64 28.45 -5.25
C ASP A 40 8.96 29.81 -5.19
N TYR A 41 8.33 30.12 -4.05
CA TYR A 41 7.67 31.44 -3.86
C TYR A 41 7.92 31.87 -2.42
N ALA A 42 9.05 31.46 -1.86
CA ALA A 42 9.36 31.77 -0.45
C ALA A 42 9.39 33.27 -0.20
N ALA A 43 10.26 33.98 -0.89
CA ALA A 43 10.35 35.45 -0.75
C ALA A 43 8.95 36.06 -0.66
N LEU A 44 8.15 35.91 -1.72
CA LEU A 44 6.78 36.45 -1.73
C LEU A 44 6.06 35.96 -0.48
N TYR A 45 6.27 34.69 -0.15
CA TYR A 45 5.57 34.12 1.03
C TYR A 45 5.94 34.94 2.27
N LYS A 46 7.23 35.26 2.43
CA LYS A 46 7.68 36.00 3.63
C LYS A 46 7.21 37.44 3.57
N LYS A 47 6.40 37.78 2.55
CA LYS A 47 5.86 39.15 2.44
C LYS A 47 4.34 39.08 2.42
N ASP A 48 3.78 38.10 1.72
CA ASP A 48 2.30 37.89 1.69
C ASP A 48 2.04 36.42 1.44
N PRO A 49 1.85 35.62 2.51
CA PRO A 49 1.60 34.19 2.35
C PRO A 49 0.52 33.90 1.31
N ARG A 50 -0.65 34.54 1.40
CA ARG A 50 -1.77 34.21 0.47
C ARG A 50 -1.36 34.61 -0.94
N ALA A 51 -0.68 35.73 -1.09
CA ALA A 51 -0.18 36.09 -2.44
C ALA A 51 0.62 34.92 -2.98
N ALA A 52 1.56 34.44 -2.18
CA ALA A 52 2.41 33.32 -2.64
C ALA A 52 1.50 32.19 -3.10
N ALA A 53 0.46 31.90 -2.32
CA ALA A 53 -0.44 30.78 -2.66
C ALA A 53 -1.08 31.04 -4.03
N LEU A 54 -1.72 32.19 -4.19
CA LEU A 54 -2.39 32.52 -5.47
C LEU A 54 -1.37 32.39 -6.60
N GLN A 55 -0.20 32.99 -6.45
CA GLN A 55 0.86 32.92 -7.48
C GLN A 55 1.13 31.46 -7.84
N TYR A 56 1.59 30.68 -6.86
CA TYR A 56 1.80 29.24 -7.09
C TYR A 56 0.62 28.66 -7.84
N PHE A 57 -0.60 29.01 -7.41
CA PHE A 57 -1.74 28.38 -8.04
C PHE A 57 -1.88 28.80 -9.50
N LYS A 58 -1.84 30.09 -9.77
CA LYS A 58 -1.99 30.60 -11.14
C LYS A 58 -0.94 29.98 -12.06
N GLU A 59 0.14 29.47 -11.49
CA GLU A 59 1.25 29.00 -12.34
C GLU A 59 1.39 27.47 -12.32
N ALA A 60 0.65 26.79 -11.45
CA ALA A 60 0.74 25.32 -11.34
C ALA A 60 0.28 24.69 -12.65
N LYS A 61 -0.82 25.17 -13.22
CA LYS A 61 -1.29 24.73 -14.55
C LYS A 61 -1.91 23.32 -14.57
N PHE A 62 -1.38 22.37 -13.80
CA PHE A 62 -1.88 20.98 -13.89
C PHE A 62 -2.00 20.35 -12.50
N GLY A 63 -3.05 19.58 -12.28
CA GLY A 63 -3.28 18.95 -10.97
C GLY A 63 -4.11 17.69 -11.05
N LEU A 64 -4.06 16.87 -10.00
CA LEU A 64 -4.79 15.58 -9.99
C LEU A 64 -6.02 15.65 -9.08
N PHE A 65 -7.19 15.31 -9.62
CA PHE A 65 -8.41 15.24 -8.79
C PHE A 65 -8.65 13.75 -8.49
N ILE A 66 -9.02 13.44 -7.25
CA ILE A 66 -9.26 12.04 -6.84
C ILE A 66 -10.66 11.95 -6.25
N HIS A 67 -11.50 11.08 -6.80
CA HIS A 67 -12.85 10.86 -6.24
C HIS A 67 -12.94 9.43 -5.72
N TYR A 68 -12.57 9.21 -4.46
CA TYR A 68 -12.67 7.87 -3.84
C TYR A 68 -13.66 7.93 -2.67
N GLY A 69 -14.49 6.90 -2.52
CA GLY A 69 -15.49 6.87 -1.44
C GLY A 69 -16.33 5.62 -1.54
N LEU A 70 -17.44 5.58 -0.81
CA LEU A 70 -18.30 4.37 -0.77
C LEU A 70 -18.89 4.14 -2.16
N TYR A 71 -19.10 5.21 -2.92
CA TYR A 71 -19.71 5.11 -4.27
C TYR A 71 -18.82 4.27 -5.18
N SER A 72 -17.53 4.25 -4.88
CA SER A 72 -16.56 3.53 -5.74
C SER A 72 -16.83 2.03 -5.66
N LEU A 73 -17.54 1.59 -4.63
CA LEU A 73 -17.80 0.14 -4.44
C LEU A 73 -18.94 -0.31 -5.34
N LEU A 74 -19.91 0.58 -5.58
CA LEU A 74 -21.06 0.25 -6.46
C LEU A 74 -20.65 0.44 -7.92
N GLY A 75 -19.66 1.30 -8.17
CA GLY A 75 -19.12 1.46 -9.54
C GLY A 75 -20.16 1.93 -10.54
N ARG A 76 -21.05 2.80 -10.12
CA ARG A 76 -22.12 3.32 -11.02
C ARG A 76 -22.07 4.84 -11.03
N GLY A 77 -20.97 5.41 -10.52
CA GLY A 77 -20.87 6.88 -10.42
C GLY A 77 -20.81 7.33 -8.98
N GLU A 78 -20.75 8.64 -8.76
CA GLU A 78 -20.62 9.20 -7.39
C GLU A 78 -21.98 9.71 -6.91
N TRP A 79 -22.96 9.71 -7.81
CA TRP A 79 -24.30 10.22 -7.46
C TRP A 79 -25.26 9.05 -7.32
N VAL A 80 -24.73 7.85 -7.14
CA VAL A 80 -25.57 6.63 -7.08
C VAL A 80 -26.63 6.76 -5.98
N GLN A 81 -26.31 7.40 -4.85
CA GLN A 81 -27.29 7.45 -3.74
C GLN A 81 -28.53 8.14 -4.27
N LEU A 82 -28.34 9.15 -5.12
CA LEU A 82 -29.48 9.88 -5.70
C LEU A 82 -29.97 9.11 -6.93
N GLN A 83 -29.07 8.81 -7.86
CA GLN A 83 -29.48 8.15 -9.13
C GLN A 83 -30.01 6.74 -8.87
N GLY A 84 -29.88 6.25 -7.64
CA GLY A 84 -30.41 4.92 -7.29
C GLY A 84 -31.41 5.01 -6.17
N LYS A 85 -31.66 6.23 -5.69
CA LYS A 85 -32.62 6.46 -4.58
C LYS A 85 -32.32 5.46 -3.46
N ILE A 86 -31.04 5.13 -3.27
CA ILE A 86 -30.65 4.21 -2.16
C ILE A 86 -30.89 4.96 -0.85
N PRO A 87 -31.75 4.44 0.04
CA PRO A 87 -32.04 5.09 1.30
C PRO A 87 -30.77 5.26 2.14
N VAL A 88 -30.77 6.20 3.09
CA VAL A 88 -29.57 6.51 3.91
C VAL A 88 -29.05 5.25 4.61
N ARG A 89 -29.92 4.43 5.19
CA ARG A 89 -29.47 3.26 6.00
C ARG A 89 -28.87 2.18 5.11
N GLU A 90 -29.50 1.94 3.97
CA GLU A 90 -28.99 0.91 3.03
C GLU A 90 -27.60 1.33 2.54
N TYR A 91 -27.40 2.63 2.29
CA TYR A 91 -26.10 3.12 1.75
C TYR A 91 -25.04 3.03 2.84
N ALA A 92 -25.43 3.25 4.09
CA ALA A 92 -24.45 3.26 5.20
C ALA A 92 -23.87 1.87 5.41
N LYS A 93 -24.44 0.85 4.77
CA LYS A 93 -23.96 -0.54 4.95
C LYS A 93 -22.74 -0.74 4.06
N LEU A 94 -22.42 0.25 3.24
CA LEU A 94 -21.26 0.14 2.32
C LEU A 94 -19.97 0.30 3.12
N GLU A 95 -20.05 0.93 4.28
CA GLU A 95 -18.85 1.12 5.14
C GLU A 95 -18.35 -0.27 5.53
N ASN A 96 -19.27 -1.23 5.63
CA ASN A 96 -18.88 -2.59 6.08
C ASN A 96 -18.02 -3.22 4.99
N ASP A 97 -17.95 -2.60 3.82
CA ASP A 97 -17.15 -3.15 2.70
C ASP A 97 -16.04 -2.16 2.32
N PHE A 98 -15.80 -1.16 3.17
CA PHE A 98 -14.74 -0.16 2.88
C PHE A 98 -13.43 -0.54 3.58
N THR A 99 -12.44 -0.97 2.81
CA THR A 99 -11.14 -1.40 3.38
C THR A 99 -10.00 -0.57 2.77
N ALA A 100 -10.19 -0.05 1.56
CA ALA A 100 -9.15 0.77 0.88
C ALA A 100 -7.84 0.00 0.83
N LYS A 101 -7.91 -1.32 0.72
CA LYS A 101 -6.69 -2.17 0.75
C LYS A 101 -5.59 -1.64 -0.16
N ASN A 102 -5.90 -1.28 -1.40
CA ASN A 102 -4.82 -0.93 -2.36
C ASN A 102 -4.76 0.58 -2.63
N PHE A 103 -5.21 1.40 -1.69
CA PHE A 103 -5.06 2.87 -1.84
C PHE A 103 -3.63 3.25 -1.44
N ASP A 104 -2.79 3.57 -2.43
CA ASP A 104 -1.37 3.89 -2.16
C ASP A 104 -1.11 5.36 -2.46
N ALA A 105 -0.98 6.17 -1.41
CA ALA A 105 -0.72 7.62 -1.59
C ALA A 105 0.66 7.81 -2.21
N ASP A 106 1.58 6.88 -1.98
CA ASP A 106 2.95 6.98 -2.57
C ASP A 106 2.82 6.86 -4.09
N PHE A 107 2.13 5.84 -4.57
CA PHE A 107 1.98 5.64 -6.04
C PHE A 107 1.23 6.82 -6.63
N ILE A 108 0.16 7.23 -5.96
CA ILE A 108 -0.68 8.34 -6.49
C ILE A 108 0.18 9.60 -6.60
N THR A 109 0.90 9.91 -5.53
CA THR A 109 1.70 11.16 -5.52
C THR A 109 2.78 11.04 -6.60
N ASP A 110 3.33 9.84 -6.77
CA ASP A 110 4.38 9.61 -7.78
C ASP A 110 3.76 9.73 -9.17
N MET A 111 2.66 9.03 -9.41
CA MET A 111 1.97 9.09 -10.72
C MET A 111 1.79 10.55 -11.13
N ALA A 112 1.18 11.34 -10.26
CA ALA A 112 0.93 12.76 -10.57
C ALA A 112 2.24 13.39 -11.01
N LEU A 113 3.23 13.36 -10.14
CA LEU A 113 4.52 14.02 -10.44
C LEU A 113 4.97 13.61 -11.84
N GLU A 114 5.13 12.31 -12.08
CA GLU A 114 5.62 11.84 -13.41
C GLU A 114 4.74 12.39 -14.52
N ALA A 115 3.44 12.48 -14.29
CA ALA A 115 2.50 12.95 -15.33
C ALA A 115 2.73 14.43 -15.65
N GLY A 116 3.35 15.17 -14.73
CA GLY A 116 3.60 16.61 -14.96
C GLY A 116 2.67 17.47 -14.16
N MET A 117 1.99 16.88 -13.19
CA MET A 117 1.04 17.62 -12.34
C MET A 117 1.80 18.18 -11.14
N LYS A 118 1.33 19.29 -10.57
CA LYS A 118 2.09 19.95 -9.49
C LYS A 118 1.27 19.98 -8.21
N TYR A 119 0.03 19.50 -8.26
CA TYR A 119 -0.74 19.47 -7.02
C TYR A 119 -1.83 18.41 -7.12
N VAL A 120 -2.45 18.12 -5.99
CA VAL A 120 -3.40 17.02 -5.83
C VAL A 120 -4.62 17.51 -5.08
N ASN A 121 -5.80 17.03 -5.47
CA ASN A 121 -7.07 17.39 -4.86
C ASN A 121 -7.87 16.12 -4.62
N ILE A 122 -8.32 15.92 -3.38
CA ILE A 122 -9.10 14.73 -3.03
C ILE A 122 -10.41 15.14 -2.37
N THR A 123 -11.47 14.40 -2.71
CA THR A 123 -12.76 14.49 -2.05
C THR A 123 -12.63 13.97 -0.61
N THR A 124 -12.53 14.88 0.35
CA THR A 124 -12.54 14.47 1.75
C THR A 124 -13.93 13.97 2.15
N ARG A 125 -14.98 14.55 1.56
CA ARG A 125 -16.35 14.16 1.87
C ARG A 125 -17.26 14.68 0.77
N HIS A 126 -17.92 13.77 0.07
CA HIS A 126 -18.78 14.10 -1.05
C HIS A 126 -20.23 14.27 -0.58
N HIS A 127 -21.16 14.27 -1.52
CA HIS A 127 -22.58 14.45 -1.19
C HIS A 127 -23.10 13.34 -0.28
N ASP A 128 -22.52 12.14 -0.34
CA ASP A 128 -23.00 11.07 0.52
C ASP A 128 -22.58 11.25 1.98
N SER A 129 -21.71 12.23 2.26
CA SER A 129 -21.27 12.66 3.59
C SER A 129 -20.29 11.69 4.25
N PHE A 130 -19.81 10.67 3.55
CA PHE A 130 -18.78 9.80 4.07
C PHE A 130 -17.43 10.49 4.00
N CYS A 131 -16.66 10.43 5.09
CA CYS A 131 -15.40 11.14 5.21
C CYS A 131 -14.23 10.18 5.12
N LEU A 132 -13.19 10.60 4.39
CA LEU A 132 -11.93 9.86 4.33
C LEU A 132 -10.94 10.32 5.40
N PHE A 133 -11.41 11.03 6.41
CA PHE A 133 -10.56 11.53 7.47
C PHE A 133 -11.26 11.35 8.82
N GLU A 134 -10.45 11.33 9.87
CA GLU A 134 -10.98 11.20 11.22
C GLU A 134 -11.68 12.47 11.66
N SER A 135 -12.90 12.34 12.18
CA SER A 135 -13.69 13.49 12.60
C SER A 135 -14.31 13.21 13.96
N LYS A 136 -14.26 14.19 14.84
CA LYS A 136 -14.86 14.10 16.16
C LYS A 136 -16.34 14.46 16.15
N TYR A 137 -16.87 14.89 15.00
CA TYR A 137 -18.24 15.31 14.87
C TYR A 137 -19.09 14.33 14.07
N THR A 138 -18.49 13.23 13.60
CA THR A 138 -19.22 12.16 12.96
C THR A 138 -18.40 10.87 13.05
N ASP A 139 -19.11 9.76 13.16
CA ASP A 139 -18.48 8.44 13.13
C ASP A 139 -18.52 7.82 11.74
N PHE A 140 -19.17 8.49 10.78
CA PHE A 140 -19.33 7.99 9.42
C PHE A 140 -18.08 8.28 8.58
N THR A 141 -16.94 7.79 9.06
CA THR A 141 -15.65 8.13 8.48
C THR A 141 -14.88 6.87 8.10
N SER A 142 -13.88 7.05 7.24
CA SER A 142 -13.04 5.93 6.82
C SER A 142 -12.19 5.40 7.96
N THR A 143 -11.86 6.24 8.94
CA THR A 143 -11.14 5.75 10.11
C THR A 143 -12.01 4.81 10.92
N ASN A 144 -13.32 5.05 10.94
CA ASN A 144 -14.26 4.17 11.62
C ASN A 144 -14.44 2.86 10.87
N SER A 145 -14.39 2.90 9.54
CA SER A 145 -14.66 1.77 8.67
C SER A 145 -13.62 0.68 8.85
N PRO A 146 -13.84 -0.51 8.27
CA PRO A 146 -12.80 -1.56 8.29
C PRO A 146 -11.42 -1.09 7.83
N ALA A 147 -11.37 0.01 7.06
CA ALA A 147 -10.08 0.52 6.59
C ALA A 147 -9.23 1.02 7.74
N LYS A 148 -9.85 1.64 8.75
CA LYS A 148 -9.15 2.13 9.94
C LYS A 148 -8.02 3.10 9.58
N ARG A 149 -8.16 3.82 8.47
CA ARG A 149 -7.13 4.72 7.99
C ARG A 149 -7.69 6.12 7.79
N ASP A 150 -6.82 7.12 7.96
CA ASP A 150 -7.11 8.52 7.63
C ASP A 150 -6.44 8.81 6.30
N LEU A 151 -7.19 8.62 5.21
CA LEU A 151 -6.61 8.75 3.87
C LEU A 151 -6.21 10.19 3.57
N VAL A 152 -6.87 11.16 4.19
CA VAL A 152 -6.46 12.55 4.03
C VAL A 152 -5.11 12.77 4.72
N ALA A 153 -4.93 12.18 5.91
CA ALA A 153 -3.64 12.24 6.58
C ALA A 153 -2.57 11.57 5.73
N GLU A 154 -2.88 10.39 5.19
CA GLU A 154 -1.94 9.67 4.33
C GLU A 154 -1.52 10.53 3.14
N LEU A 155 -2.51 11.08 2.42
CA LEU A 155 -2.21 11.88 1.23
C LEU A 155 -1.48 13.17 1.58
N ALA A 156 -1.85 13.80 2.70
CA ALA A 156 -1.22 15.06 3.08
C ALA A 156 0.28 14.88 3.29
N GLU A 157 0.67 13.84 4.03
CA GLU A 157 2.09 13.60 4.28
C GLU A 157 2.86 13.33 2.99
N GLU A 158 2.28 12.53 2.09
CA GLU A 158 2.94 12.26 0.81
C GLU A 158 3.07 13.52 -0.02
N CYS A 159 2.16 14.47 0.14
CA CYS A 159 2.26 15.74 -0.58
C CYS A 159 3.32 16.63 0.06
N ARG A 160 3.31 16.74 1.40
CA ARG A 160 4.35 17.47 2.10
C ARG A 160 5.73 16.90 1.80
N LYS A 161 5.85 15.58 1.71
CA LYS A 161 7.12 14.95 1.42
C LYS A 161 7.61 15.30 0.02
N LYS A 162 6.70 15.40 -0.94
CA LYS A 162 7.06 15.51 -2.35
C LYS A 162 6.85 16.92 -2.91
N GLY A 163 6.54 17.89 -2.08
CA GLY A 163 6.39 19.26 -2.56
C GLY A 163 5.15 19.51 -3.40
N LEU A 164 4.17 18.61 -3.37
CA LEU A 164 2.95 18.77 -4.15
C LEU A 164 1.91 19.57 -3.36
N GLY A 165 1.23 20.48 -4.04
CA GLY A 165 0.11 21.18 -3.43
C GLY A 165 -1.03 20.22 -3.13
N PHE A 166 -1.70 20.45 -2.01
CA PHE A 166 -2.75 19.57 -1.53
C PHE A 166 -4.02 20.39 -1.29
N TYR A 167 -5.10 20.04 -1.99
CA TYR A 167 -6.37 20.74 -1.90
C TYR A 167 -7.47 19.77 -1.51
N LEU A 168 -8.46 20.27 -0.77
CA LEU A 168 -9.46 19.43 -0.12
C LEU A 168 -10.85 19.73 -0.67
N TYR A 169 -11.40 18.79 -1.43
CA TYR A 169 -12.81 18.86 -1.80
C TYR A 169 -13.65 18.62 -0.55
N TYR A 170 -14.65 19.47 -0.34
CA TYR A 170 -15.58 19.30 0.77
C TYR A 170 -16.97 19.70 0.30
N SER A 171 -17.93 18.79 0.44
CA SER A 171 -19.29 19.06 0.00
C SER A 171 -19.93 20.12 0.90
N HIS A 172 -20.46 21.17 0.28
CA HIS A 172 -20.96 22.33 1.01
C HIS A 172 -22.45 22.54 0.82
N GLY A 173 -22.90 22.82 -0.40
CA GLY A 173 -24.29 23.17 -0.61
C GLY A 173 -25.25 22.00 -0.62
N ARG A 174 -24.72 20.78 -0.75
CA ARG A 174 -25.53 19.57 -0.79
C ARG A 174 -25.02 18.59 0.27
N ASP A 175 -25.97 17.98 0.98
CA ASP A 175 -25.67 16.84 1.83
C ASP A 175 -26.89 15.92 1.81
N TRP A 176 -26.64 14.62 1.60
CA TRP A 176 -27.72 13.65 1.46
C TRP A 176 -27.86 12.78 2.71
N ARG A 177 -27.15 13.10 3.79
CA ARG A 177 -27.25 12.31 5.01
C ARG A 177 -27.61 13.18 6.20
N HIS A 178 -26.85 14.25 6.44
CA HIS A 178 -27.06 15.12 7.59
C HIS A 178 -28.53 15.54 7.67
N PRO A 179 -29.21 15.30 8.79
CA PRO A 179 -30.66 15.52 8.84
C PRO A 179 -31.09 16.96 8.64
N HIS A 180 -30.22 17.93 8.90
CA HIS A 180 -30.58 19.34 8.87
C HIS A 180 -30.16 20.05 7.59
N ALA A 181 -29.47 19.36 6.68
CA ALA A 181 -29.01 19.95 5.43
C ALA A 181 -30.18 20.26 4.49
N PRO A 182 -29.99 21.14 3.51
CA PRO A 182 -31.08 21.56 2.63
C PRO A 182 -31.92 20.42 2.08
N ASN A 183 -33.24 20.57 2.17
CA ASN A 183 -34.22 19.60 1.69
C ASN A 183 -34.76 20.02 0.34
N ASN A 184 -35.42 19.08 -0.34
CA ASN A 184 -35.80 19.27 -1.73
C ASN A 184 -36.97 20.22 -1.92
N GLY A 185 -37.70 20.56 -0.87
CA GLY A 185 -38.74 21.57 -0.99
C GLY A 185 -38.15 22.96 -0.95
N ASP A 186 -37.52 23.29 0.19
CA ASP A 186 -37.01 24.64 0.40
C ASP A 186 -35.94 25.00 -0.64
N TRP A 187 -35.02 24.06 -0.88
CA TRP A 187 -33.90 24.36 -1.79
C TRP A 187 -33.95 23.40 -2.99
N GLY A 188 -33.39 23.81 -4.11
CA GLY A 188 -33.35 22.93 -5.29
C GLY A 188 -31.97 22.38 -5.54
N GLY A 189 -31.52 22.37 -6.79
CA GLY A 189 -30.22 21.76 -7.12
C GLY A 189 -30.44 20.44 -7.84
N ASN A 190 -29.91 19.35 -7.30
CA ASN A 190 -30.76 18.32 -6.65
C ASN A 190 -30.32 18.22 -5.19
N ALA A 191 -30.86 19.07 -4.34
CA ALA A 191 -30.45 19.11 -2.93
C ALA A 191 -30.33 17.70 -2.35
N ARG A 192 -31.43 16.95 -2.36
CA ARG A 192 -31.42 15.61 -1.74
C ARG A 192 -32.04 14.61 -2.71
N PRO A 193 -31.76 13.30 -2.56
CA PRO A 193 -32.36 12.29 -3.43
C PRO A 193 -33.89 12.36 -3.31
N LYS A 194 -34.58 12.34 -4.44
CA LYS A 194 -36.07 12.43 -4.44
C LYS A 194 -36.64 11.07 -4.10
N TYR A 195 -36.80 10.79 -2.81
CA TYR A 195 -37.32 9.51 -2.36
C TYR A 195 -38.83 9.44 -2.56
N ASP A 196 -39.34 8.21 -2.58
CA ASP A 196 -40.77 7.99 -2.78
C ASP A 196 -41.55 8.09 -1.47
N SER A 197 -40.91 7.75 -0.35
CA SER A 197 -41.43 8.00 0.97
C SER A 197 -40.42 8.82 1.76
N PRO A 198 -40.87 9.79 2.57
CA PRO A 198 -39.94 10.64 3.32
C PRO A 198 -38.87 9.83 4.04
N GLU A 199 -37.62 10.22 3.85
CA GLU A 199 -36.51 9.48 4.45
C GLU A 199 -36.54 9.67 5.95
N PRO A 200 -36.61 8.60 6.75
CA PRO A 200 -36.69 8.76 8.20
C PRO A 200 -35.47 9.44 8.80
N PHE A 201 -34.31 9.39 8.13
CA PHE A 201 -33.11 9.99 8.68
C PHE A 201 -33.17 11.51 8.67
N TYR A 202 -33.93 12.10 7.73
CA TYR A 202 -34.03 13.54 7.65
C TYR A 202 -35.03 14.10 8.66
N LYS A 203 -34.67 15.20 9.29
CA LYS A 203 -35.66 16.04 9.95
C LYS A 203 -36.28 17.00 8.93
N TYR A 204 -37.51 17.43 9.17
CA TYR A 204 -38.17 18.27 8.14
C TYR A 204 -38.79 19.51 8.76
N GLY A 205 -39.19 20.46 7.93
CA GLY A 205 -39.84 21.69 8.41
C GLY A 205 -39.27 22.21 9.73
N GLU A 206 -40.16 22.57 10.67
CA GLU A 206 -39.72 23.16 11.96
C GLU A 206 -38.72 22.27 12.67
N ASP A 207 -38.67 20.99 12.30
CA ASP A 207 -37.75 20.05 12.99
C ASP A 207 -36.35 20.23 12.43
N GLN A 208 -36.16 21.21 11.54
CA GLN A 208 -34.84 21.37 10.89
C GLN A 208 -34.26 22.76 11.12
N ASP A 209 -33.05 22.85 11.68
CA ASP A 209 -32.36 24.16 11.85
C ASP A 209 -31.03 24.10 11.08
N LEU A 210 -30.99 24.62 9.86
CA LEU A 210 -29.75 24.51 9.04
C LEU A 210 -28.53 24.85 9.89
N GLN A 211 -28.68 25.75 10.85
CA GLN A 211 -27.50 26.18 11.60
C GLN A 211 -26.78 25.00 12.25
N ILE A 212 -27.50 23.91 12.54
CA ILE A 212 -26.84 22.70 13.02
C ILE A 212 -25.89 22.16 11.94
N TYR A 213 -26.35 22.19 10.69
CA TYR A 213 -25.53 21.75 9.57
C TYR A 213 -24.42 22.75 9.27
N VAL A 214 -24.77 24.04 9.20
CA VAL A 214 -23.79 25.10 8.94
C VAL A 214 -22.60 24.98 9.89
N GLU A 215 -22.90 24.88 11.19
CA GLU A 215 -21.82 24.75 12.17
C GLU A 215 -21.08 23.43 12.01
N PHE A 216 -21.79 22.37 11.58
CA PHE A 216 -21.16 21.07 11.42
C PHE A 216 -20.06 21.12 10.37
N MET A 217 -20.31 21.80 9.25
CA MET A 217 -19.27 22.00 8.25
C MET A 217 -18.11 22.82 8.81
N LYS A 218 -18.42 23.99 9.37
CA LYS A 218 -17.38 24.83 9.96
C LYS A 218 -16.57 24.10 11.01
N ASN A 219 -17.19 23.16 11.73
CA ASN A 219 -16.45 22.35 12.69
C ASN A 219 -15.52 21.38 11.98
N GLN A 220 -15.99 20.75 10.89
CA GLN A 220 -15.19 19.78 10.16
C GLN A 220 -14.05 20.46 9.41
N ILE A 221 -14.32 21.61 8.78
CA ILE A 221 -13.29 22.34 8.06
C ILE A 221 -12.19 22.79 9.01
N THR A 222 -12.55 23.13 10.26
CA THR A 222 -11.54 23.46 11.26
C THR A 222 -10.60 22.28 11.51
N GLU A 223 -11.12 21.06 11.47
CA GLU A 223 -10.28 19.89 11.66
C GLU A 223 -9.30 19.73 10.50
N LEU A 224 -9.77 19.95 9.26
CA LEU A 224 -8.93 19.75 8.09
C LEU A 224 -7.77 20.72 8.06
N LEU A 225 -8.01 21.97 8.46
CA LEU A 225 -6.97 23.00 8.42
C LEU A 225 -5.98 22.87 9.57
N THR A 226 -6.32 22.13 10.62
CA THR A 226 -5.50 22.05 11.82
C THR A 226 -4.71 20.75 11.93
N ASN A 227 -5.32 19.62 11.57
CA ASN A 227 -4.74 18.31 11.83
C ASN A 227 -3.86 17.78 10.71
N TYR A 228 -3.63 18.56 9.65
CA TYR A 228 -2.88 18.05 8.50
C TYR A 228 -1.80 19.01 8.03
N GLY A 229 -1.39 19.94 8.89
CA GLY A 229 -0.34 20.87 8.53
C GLY A 229 -0.85 21.91 7.56
N PRO A 230 0.08 22.63 6.91
CA PRO A 230 -0.34 23.64 5.93
C PRO A 230 -1.07 22.99 4.77
N VAL A 231 -2.23 23.56 4.43
CA VAL A 231 -3.10 23.02 3.41
C VAL A 231 -3.23 24.04 2.28
N GLY A 232 -3.34 23.55 1.05
CA GLY A 232 -3.40 24.45 -0.09
C GLY A 232 -4.69 25.25 -0.15
N GLY A 233 -5.83 24.56 -0.11
CA GLY A 233 -7.10 25.27 -0.17
C GLY A 233 -8.26 24.40 0.25
N ILE A 234 -9.36 25.07 0.57
CA ILE A 234 -10.64 24.43 0.84
C ILE A 234 -11.49 24.53 -0.42
N TRP A 235 -11.81 23.38 -1.01
CA TRP A 235 -12.44 23.30 -2.33
C TRP A 235 -13.90 22.93 -2.12
N LEU A 236 -14.76 23.95 -2.07
CA LEU A 236 -16.18 23.75 -1.78
C LEU A 236 -16.95 23.42 -3.05
N ASP A 237 -17.96 22.56 -2.91
CA ASP A 237 -18.79 22.14 -4.02
C ASP A 237 -20.25 22.15 -3.62
N GLY A 238 -21.12 22.00 -4.62
CA GLY A 238 -22.55 21.99 -4.39
C GLY A 238 -23.23 23.32 -4.63
N VAL A 239 -22.64 24.19 -5.44
CA VAL A 239 -23.04 25.60 -5.51
C VAL A 239 -24.47 25.76 -6.00
N ALA A 240 -24.98 24.82 -6.80
CA ALA A 240 -26.30 25.01 -7.40
C ALA A 240 -27.42 25.04 -6.37
N THR A 241 -27.23 24.37 -5.24
CA THR A 241 -28.34 24.31 -4.25
C THR A 241 -28.49 25.62 -3.48
N PRO A 242 -27.45 26.17 -2.85
CA PRO A 242 -27.66 27.48 -2.18
C PRO A 242 -28.09 28.57 -3.14
N ALA A 243 -27.67 28.49 -4.40
CA ALA A 243 -28.03 29.48 -5.40
C ALA A 243 -29.44 29.30 -5.95
N SER A 244 -30.11 28.20 -5.64
CA SER A 244 -31.47 28.01 -6.14
C SER A 244 -32.48 28.87 -5.39
N ARG A 245 -32.15 29.34 -4.20
CA ARG A 245 -32.96 30.29 -3.44
C ARG A 245 -31.98 31.34 -2.92
N LYS A 246 -31.54 32.25 -3.79
CA LYS A 246 -30.41 33.08 -3.39
C LYS A 246 -30.81 34.29 -2.56
N GLY A 247 -32.11 34.50 -2.30
CA GLY A 247 -32.49 35.39 -1.22
C GLY A 247 -32.42 34.70 0.12
N LYS A 248 -32.35 33.37 0.09
CA LYS A 248 -32.14 32.52 1.25
C LYS A 248 -30.67 32.12 1.38
N LEU A 249 -29.87 32.48 0.38
CA LEU A 249 -28.45 32.15 0.32
C LEU A 249 -27.71 32.49 1.61
N HIS A 250 -28.09 33.59 2.26
CA HIS A 250 -27.32 34.10 3.39
C HIS A 250 -27.42 33.22 4.63
N LEU A 251 -28.43 32.35 4.74
CA LEU A 251 -28.53 31.51 5.93
C LEU A 251 -27.37 30.53 6.05
N PHE A 252 -26.64 30.29 4.95
CA PHE A 252 -25.53 29.36 5.00
C PHE A 252 -24.35 29.95 5.77
N GLU A 253 -24.35 31.27 5.98
CA GLU A 253 -23.24 31.97 6.63
C GLU A 253 -21.93 31.62 5.92
N THR A 254 -21.96 31.76 4.59
CA THR A 254 -20.83 31.31 3.77
C THR A 254 -19.64 32.26 3.88
N GLN A 255 -19.88 33.58 3.86
CA GLN A 255 -18.78 34.52 3.98
C GLN A 255 -18.06 34.36 5.32
N GLU A 256 -18.83 34.08 6.38
CA GLU A 256 -18.23 33.78 7.67
C GLU A 256 -17.38 32.52 7.61
N LEU A 257 -17.75 31.57 6.75
CA LEU A 257 -16.92 30.39 6.55
C LEU A 257 -15.61 30.75 5.89
N TYR A 258 -15.65 31.55 4.82
CA TYR A 258 -14.43 32.03 4.18
C TYR A 258 -13.53 32.71 5.19
N ASP A 259 -14.10 33.56 6.04
CA ASP A 259 -13.31 34.28 7.04
C ASP A 259 -12.67 33.32 8.03
N HIS A 260 -13.40 32.29 8.46
CA HIS A 260 -12.82 31.30 9.35
C HIS A 260 -11.65 30.57 8.70
N ILE A 261 -11.75 30.29 7.39
CA ILE A 261 -10.69 29.57 6.71
C ILE A 261 -9.43 30.43 6.63
N HIS A 262 -9.58 31.69 6.21
CA HIS A 262 -8.43 32.58 6.10
C HIS A 262 -7.81 32.84 7.47
N SER A 263 -8.64 32.90 8.52
CA SER A 263 -8.12 33.08 9.87
C SER A 263 -7.41 31.83 10.37
N LEU A 264 -7.73 30.66 9.82
CA LEU A 264 -7.19 29.40 10.34
C LEU A 264 -5.76 29.16 9.89
N GLN A 265 -5.39 29.60 8.70
CA GLN A 265 -4.02 29.53 8.22
C GLN A 265 -3.79 30.72 7.28
N PRO A 266 -2.56 31.26 7.26
CA PRO A 266 -2.32 32.45 6.43
C PRO A 266 -2.54 32.23 4.94
N GLN A 267 -2.15 31.07 4.40
CA GLN A 267 -2.02 30.89 2.95
C GLN A 267 -3.15 30.11 2.31
N VAL A 268 -4.12 29.59 3.07
CA VAL A 268 -5.16 28.75 2.47
C VAL A 268 -6.03 29.57 1.53
N LEU A 269 -6.38 28.97 0.40
CA LEU A 269 -7.33 29.52 -0.54
C LEU A 269 -8.71 28.91 -0.28
N VAL A 270 -9.73 29.55 -0.83
CA VAL A 270 -11.09 29.00 -0.82
C VAL A 270 -11.68 29.18 -2.21
N SER A 271 -12.19 28.09 -2.78
CA SER A 271 -12.92 28.13 -4.03
C SER A 271 -14.30 27.52 -3.83
N TYR A 272 -15.22 27.89 -4.72
CA TYR A 272 -16.59 27.40 -4.66
C TYR A 272 -17.13 27.32 -6.10
N LYS A 273 -16.53 26.45 -6.90
CA LYS A 273 -16.89 26.25 -8.31
C LYS A 273 -16.79 27.59 -9.03
N GLN A 274 -17.80 28.03 -9.76
CA GLN A 274 -17.77 29.30 -10.47
C GLN A 274 -18.04 30.48 -9.54
N GLY A 275 -18.32 30.22 -8.27
CA GLY A 275 -18.55 31.28 -7.31
C GLY A 275 -19.97 31.28 -6.77
N LEU A 276 -20.11 31.47 -5.46
CA LEU A 276 -21.43 31.59 -4.84
C LEU A 276 -21.71 32.99 -4.33
N ILE A 277 -20.75 33.61 -3.63
CA ILE A 277 -20.92 34.94 -3.09
C ILE A 277 -19.89 35.92 -3.66
N GLY A 278 -19.06 35.48 -4.61
CA GLY A 278 -18.17 36.37 -5.33
C GLY A 278 -16.87 36.70 -4.66
N THR A 279 -16.64 36.23 -3.42
CA THR A 279 -15.45 36.61 -2.66
C THR A 279 -14.44 35.48 -2.54
N GLU A 280 -14.48 34.50 -3.44
CA GLU A 280 -13.54 33.39 -3.40
C GLU A 280 -12.18 33.79 -3.95
N ASP A 281 -11.16 33.00 -3.60
CA ASP A 281 -9.80 33.30 -4.04
C ASP A 281 -9.55 32.84 -5.47
N PHE A 282 -10.27 31.83 -5.95
CA PHE A 282 -10.24 31.49 -7.36
C PHE A 282 -11.55 30.83 -7.75
N LYS A 283 -11.75 30.66 -9.05
CA LYS A 283 -12.96 30.08 -9.60
C LYS A 283 -12.65 28.71 -10.20
N ALA A 284 -13.43 27.70 -9.83
CA ALA A 284 -13.21 26.32 -10.28
C ALA A 284 -14.43 25.82 -11.05
N PRO A 285 -14.63 26.30 -12.28
CA PRO A 285 -15.72 25.78 -13.10
C PRO A 285 -15.44 24.35 -13.54
N GLU A 286 -16.52 23.61 -13.81
CA GLU A 286 -16.41 22.28 -14.38
C GLU A 286 -16.13 22.37 -15.86
N ARG A 287 -15.01 21.79 -16.31
CA ARG A 287 -14.70 21.58 -17.71
C ARG A 287 -14.35 22.87 -18.44
N HIS A 288 -15.21 23.88 -18.34
CA HIS A 288 -15.03 25.10 -19.11
C HIS A 288 -15.65 26.27 -18.37
N PHE A 289 -15.22 27.47 -18.74
CA PHE A 289 -15.78 28.69 -18.17
C PHE A 289 -15.95 29.71 -19.28
N LYS A 290 -17.20 30.20 -19.36
CA LYS A 290 -17.49 31.27 -20.32
C LYS A 290 -17.18 32.57 -19.57
N GLY A 291 -16.89 33.61 -20.32
CA GLY A 291 -16.52 34.91 -19.74
C GLY A 291 -15.11 34.88 -19.18
N THR A 292 -14.74 35.97 -18.52
CA THR A 292 -13.45 36.08 -17.84
C THR A 292 -13.69 36.44 -16.39
N SER A 293 -12.66 36.28 -15.57
CA SER A 293 -12.80 36.35 -14.12
C SER A 293 -11.70 37.20 -13.50
N ASP A 294 -12.07 37.88 -12.41
CA ASP A 294 -11.13 38.65 -11.61
C ASP A 294 -10.01 37.81 -11.02
N VAL A 295 -10.23 36.50 -10.84
CA VAL A 295 -9.38 35.66 -10.01
C VAL A 295 -8.82 34.53 -10.85
N PRO A 296 -7.92 33.68 -10.33
CA PRO A 296 -7.46 32.52 -11.09
C PRO A 296 -8.58 31.58 -11.50
N LEU A 297 -8.38 30.90 -12.63
CA LEU A 297 -9.30 29.92 -13.16
C LEU A 297 -8.70 28.52 -13.08
N GLU A 298 -9.54 27.54 -12.76
CA GLU A 298 -9.14 26.13 -12.80
C GLU A 298 -10.29 25.32 -13.36
N PHE A 299 -10.10 24.71 -14.53
CA PHE A 299 -11.07 23.80 -15.10
C PHE A 299 -10.80 22.39 -14.59
N CYS A 300 -11.83 21.75 -14.07
CA CYS A 300 -11.74 20.36 -13.62
C CYS A 300 -12.47 19.47 -14.61
N ASP A 301 -11.82 18.38 -15.01
CA ASP A 301 -12.37 17.46 -16.00
C ASP A 301 -12.02 16.04 -15.62
N THR A 302 -12.63 15.08 -16.31
CA THR A 302 -12.62 13.69 -15.92
C THR A 302 -11.83 12.84 -16.91
N LEU A 303 -11.18 11.79 -16.43
CA LEU A 303 -10.49 10.86 -17.35
C LEU A 303 -11.50 9.80 -17.78
N GLN A 304 -12.63 9.74 -17.09
CA GLN A 304 -13.73 8.83 -17.48
C GLN A 304 -14.74 9.70 -18.22
N PRO A 305 -15.38 9.24 -19.30
CA PRO A 305 -16.40 10.03 -19.98
C PRO A 305 -17.53 10.55 -19.07
N TRP A 306 -17.52 11.83 -18.73
CA TRP A 306 -18.64 12.47 -17.98
C TRP A 306 -18.64 12.15 -16.49
N LYS A 307 -18.24 10.95 -16.10
CA LYS A 307 -18.41 10.56 -14.67
C LYS A 307 -17.14 10.64 -13.85
N TRP A 308 -17.13 11.51 -12.85
CA TRP A 308 -16.02 11.50 -11.88
C TRP A 308 -16.33 10.23 -11.10
N GLY A 309 -15.47 9.76 -10.23
CA GLY A 309 -15.90 8.53 -9.54
C GLY A 309 -15.93 7.33 -10.46
N TYR A 310 -15.53 6.18 -9.97
CA TYR A 310 -15.40 4.99 -10.81
C TYR A 310 -16.75 4.53 -11.35
N ASP A 311 -16.82 4.39 -12.67
CA ASP A 311 -17.98 3.86 -13.38
C ASP A 311 -17.53 2.63 -14.18
N LYS A 312 -17.98 1.45 -13.77
CA LYS A 312 -17.53 0.22 -14.42
C LYS A 312 -18.02 0.13 -15.86
N SER A 313 -19.20 0.68 -16.16
CA SER A 313 -19.73 0.66 -17.51
C SER A 313 -18.92 1.48 -18.51
N LEU A 314 -17.91 2.22 -18.06
CA LEU A 314 -17.12 3.08 -18.93
C LEU A 314 -15.74 2.52 -19.23
N ASP A 315 -15.43 1.29 -18.79
CA ASP A 315 -14.13 0.71 -19.04
C ASP A 315 -13.87 0.56 -20.54
N GLY A 316 -12.62 0.80 -20.94
CA GLY A 316 -12.26 0.79 -22.33
C GLY A 316 -12.70 2.04 -23.07
N LYS A 317 -13.21 3.03 -22.35
CA LYS A 317 -13.72 4.27 -22.95
C LYS A 317 -13.16 5.49 -22.23
N HIS A 318 -12.11 5.31 -21.44
CA HIS A 318 -11.48 6.43 -20.77
C HIS A 318 -10.76 7.30 -21.80
N LYS A 319 -10.56 8.57 -21.45
CA LYS A 319 -9.89 9.47 -22.36
C LYS A 319 -8.44 9.04 -22.56
N THR A 320 -7.87 9.49 -23.68
CA THR A 320 -6.52 9.12 -24.08
C THR A 320 -5.57 10.28 -23.87
N ALA A 321 -4.27 9.95 -23.78
CA ALA A 321 -3.24 10.96 -23.56
C ALA A 321 -3.36 12.10 -24.57
N ASP A 322 -3.75 11.80 -25.81
CA ASP A 322 -3.90 12.84 -26.82
C ASP A 322 -5.10 13.73 -26.54
N GLN A 323 -6.14 13.19 -25.90
CA GLN A 323 -7.27 14.02 -25.49
C GLN A 323 -6.90 14.90 -24.30
N VAL A 324 -6.07 14.38 -23.40
CA VAL A 324 -5.60 15.18 -22.27
C VAL A 324 -4.78 16.36 -22.77
N MET A 325 -3.90 16.13 -23.75
CA MET A 325 -3.15 17.22 -24.36
C MET A 325 -4.09 18.30 -24.90
N GLU A 326 -5.19 17.91 -25.52
CA GLU A 326 -6.20 18.88 -25.94
C GLU A 326 -6.75 19.64 -24.74
N MET A 327 -7.18 18.92 -23.70
CA MET A 327 -7.73 19.57 -22.52
C MET A 327 -6.73 20.55 -21.91
N LEU A 328 -5.47 20.16 -21.82
CA LEU A 328 -4.43 21.04 -21.31
C LEU A 328 -4.30 22.28 -22.20
N SER A 329 -4.19 22.07 -23.52
CA SER A 329 -4.08 23.18 -24.46
C SER A 329 -5.24 24.17 -24.29
N LYS A 330 -6.48 23.67 -24.39
CA LYS A 330 -7.65 24.51 -24.16
C LYS A 330 -7.54 25.30 -22.86
N ALA A 331 -7.06 24.64 -21.80
CA ALA A 331 -6.99 25.30 -20.50
C ALA A 331 -5.99 26.45 -20.51
N ASN A 332 -4.81 26.25 -21.11
CA ASN A 332 -3.81 27.31 -21.16
C ASN A 332 -4.32 28.50 -21.96
N LYS A 333 -4.99 28.24 -23.10
CA LYS A 333 -5.70 29.26 -23.87
C LYS A 333 -6.56 30.15 -22.98
N MET A 334 -7.24 29.55 -22.00
CA MET A 334 -8.17 30.26 -21.15
C MET A 334 -7.51 30.84 -19.91
N ASP A 335 -6.18 30.75 -19.79
CA ASP A 335 -5.45 31.13 -18.58
C ASP A 335 -6.00 30.41 -17.36
N ALA A 336 -6.18 29.10 -17.50
CA ALA A 336 -6.75 28.28 -16.44
C ALA A 336 -5.88 27.05 -16.21
N ASN A 337 -5.92 26.55 -14.98
CA ASN A 337 -5.32 25.25 -14.69
C ASN A 337 -6.22 24.15 -15.24
N LEU A 338 -5.65 22.96 -15.39
CA LEU A 338 -6.41 21.75 -15.63
C LEU A 338 -6.29 20.86 -14.41
N LEU A 339 -7.41 20.64 -13.73
CA LEU A 339 -7.48 19.70 -12.63
C LEU A 339 -8.16 18.43 -13.15
N LEU A 340 -7.35 17.42 -13.46
CA LEU A 340 -7.82 16.23 -14.16
C LEU A 340 -8.06 15.11 -13.17
N ASN A 341 -9.21 14.46 -13.28
CA ASN A 341 -9.72 13.57 -12.24
C ASN A 341 -9.42 12.10 -12.55
N VAL A 342 -9.04 11.36 -11.50
CA VAL A 342 -9.09 9.90 -11.49
C VAL A 342 -10.07 9.45 -10.41
N GLY A 343 -10.90 8.46 -10.74
CA GLY A 343 -11.78 7.83 -9.80
C GLY A 343 -11.34 6.41 -9.51
N PRO A 344 -10.70 6.18 -8.37
CA PRO A 344 -10.10 4.87 -8.09
C PRO A 344 -11.10 3.74 -8.09
N LEU A 345 -10.57 2.51 -8.18
CA LEU A 345 -11.33 1.28 -8.13
C LEU A 345 -11.72 0.97 -6.68
N PRO A 346 -12.74 0.13 -6.47
CA PRO A 346 -13.25 -0.09 -5.11
C PRO A 346 -12.18 -0.40 -4.06
N ASP A 347 -11.07 -1.02 -4.45
CA ASP A 347 -10.02 -1.34 -3.50
C ASP A 347 -9.11 -0.15 -3.20
N GLY A 348 -9.23 0.93 -3.96
CA GLY A 348 -8.38 2.09 -3.79
C GLY A 348 -7.28 2.20 -4.81
N SER A 349 -7.21 1.28 -5.76
CA SER A 349 -6.18 1.30 -6.79
C SER A 349 -6.64 2.13 -7.98
N ILE A 350 -5.68 2.73 -8.68
CA ILE A 350 -5.98 3.55 -9.84
C ILE A 350 -6.24 2.67 -11.05
N HIS A 351 -7.27 3.01 -11.80
CA HIS A 351 -7.64 2.28 -13.01
C HIS A 351 -6.42 2.08 -13.90
N PRO A 352 -6.24 0.92 -14.52
CA PRO A 352 -5.08 0.72 -15.41
C PRO A 352 -5.11 1.60 -16.63
N GLU A 353 -6.30 1.96 -17.14
CA GLU A 353 -6.37 2.85 -18.28
C GLU A 353 -5.86 4.24 -17.94
N ASP A 354 -6.24 4.76 -16.77
CA ASP A 354 -5.81 6.09 -16.37
C ASP A 354 -4.32 6.12 -16.01
N VAL A 355 -3.80 5.03 -15.44
CA VAL A 355 -2.38 4.96 -15.11
C VAL A 355 -1.53 5.11 -16.37
N LYS A 356 -1.85 4.34 -17.41
CA LYS A 356 -1.14 4.46 -18.68
C LYS A 356 -1.33 5.85 -19.28
N THR A 357 -2.58 6.30 -19.38
CA THR A 357 -2.85 7.62 -19.94
C THR A 357 -1.99 8.70 -19.28
N LEU A 358 -1.94 8.69 -17.95
CA LEU A 358 -1.17 9.70 -17.24
C LEU A 358 0.33 9.48 -17.43
N ALA A 359 0.77 8.22 -17.51
CA ALA A 359 2.19 7.95 -17.71
C ALA A 359 2.68 8.51 -19.03
N GLU A 360 1.83 8.44 -20.07
CA GLU A 360 2.24 8.93 -21.37
C GLU A 360 2.11 10.45 -21.47
N VAL A 361 1.09 11.03 -20.84
CA VAL A 361 0.99 12.49 -20.78
C VAL A 361 2.26 13.08 -20.18
N GLY A 362 2.84 12.39 -19.20
CA GLY A 362 4.08 12.86 -18.62
C GLY A 362 5.22 12.85 -19.62
N ARG A 363 5.32 11.80 -20.43
CA ARG A 363 6.43 11.70 -21.37
C ARG A 363 6.29 12.71 -22.51
N LYS A 364 5.07 12.90 -23.02
CA LYS A 364 4.84 13.94 -24.02
C LYS A 364 5.15 15.33 -23.47
N LEU A 365 4.91 15.57 -22.18
CA LEU A 365 5.09 16.90 -21.62
C LEU A 365 6.56 17.26 -21.46
N LYS A 366 7.36 16.35 -20.91
CA LYS A 366 8.78 16.63 -20.72
C LYS A 366 9.55 16.68 -22.04
N ALA A 367 8.88 16.55 -23.17
CA ALA A 367 9.50 16.70 -24.47
C ALA A 367 9.34 18.13 -24.99
N VAL B 34 -2.99 -36.95 -2.65
CA VAL B 34 -2.83 -35.50 -2.31
C VAL B 34 -1.48 -35.32 -1.61
N PRO B 35 -0.85 -34.13 -1.69
CA PRO B 35 0.41 -33.90 -0.99
C PRO B 35 0.27 -34.28 0.50
N SER B 36 1.31 -34.89 1.06
CA SER B 36 1.25 -35.37 2.47
C SER B 36 0.85 -34.24 3.43
N TYR B 37 1.62 -33.15 3.46
CA TYR B 37 1.34 -32.07 4.45
C TYR B 37 -0.16 -31.77 4.50
N LEU B 38 -0.80 -31.58 3.36
CA LEU B 38 -2.27 -31.39 3.41
C LEU B 38 -2.91 -32.79 3.47
N LYS B 39 -2.55 -33.59 4.47
CA LYS B 39 -3.15 -34.94 4.64
C LYS B 39 -4.64 -34.72 4.87
N ASP B 40 -4.97 -33.88 5.84
CA ASP B 40 -6.40 -33.51 6.00
C ASP B 40 -6.71 -32.61 4.81
N TYR B 41 -7.88 -32.01 4.75
CA TYR B 41 -8.13 -31.06 3.63
C TYR B 41 -8.06 -31.79 2.28
N ALA B 42 -7.81 -33.11 2.29
CA ALA B 42 -7.79 -33.89 1.04
C ALA B 42 -9.08 -33.63 0.26
N ALA B 43 -10.21 -33.87 0.91
CA ALA B 43 -11.51 -33.65 0.25
C ALA B 43 -11.53 -32.23 -0.31
N LEU B 44 -11.27 -31.23 0.53
CA LEU B 44 -11.20 -29.88 -0.01
C LEU B 44 -10.18 -29.78 -1.13
N TYR B 45 -9.07 -30.53 -1.02
CA TYR B 45 -8.07 -30.51 -2.08
C TYR B 45 -8.65 -31.01 -3.40
N LYS B 46 -9.38 -32.13 -3.36
CA LYS B 46 -9.95 -32.69 -4.57
C LYS B 46 -11.04 -31.81 -5.16
N LYS B 47 -11.62 -30.93 -4.36
CA LYS B 47 -12.62 -29.98 -4.86
C LYS B 47 -11.98 -28.67 -5.28
N ASP B 48 -10.94 -28.23 -4.58
CA ASP B 48 -10.19 -27.02 -4.91
C ASP B 48 -8.84 -27.06 -4.20
N PRO B 49 -7.75 -27.34 -4.92
CA PRO B 49 -6.43 -27.48 -4.28
C PRO B 49 -5.98 -26.25 -3.52
N ARG B 50 -5.92 -25.09 -4.19
CA ARG B 50 -5.44 -23.90 -3.50
C ARG B 50 -6.34 -23.55 -2.32
N ALA B 51 -7.65 -23.77 -2.44
CA ALA B 51 -8.53 -23.56 -1.30
C ALA B 51 -8.13 -24.43 -0.13
N ALA B 52 -7.77 -25.70 -0.40
CA ALA B 52 -7.29 -26.58 0.66
C ALA B 52 -5.98 -26.07 1.25
N ALA B 53 -5.06 -25.60 0.41
CA ALA B 53 -3.78 -25.11 0.90
C ALA B 53 -3.96 -23.92 1.84
N LEU B 54 -4.76 -22.93 1.41
CA LEU B 54 -5.09 -21.82 2.29
C LEU B 54 -5.69 -22.33 3.61
N GLN B 55 -6.66 -23.24 3.53
CA GLN B 55 -7.32 -23.75 4.72
C GLN B 55 -6.32 -24.41 5.67
N TYR B 56 -5.47 -25.29 5.15
CA TYR B 56 -4.42 -25.88 5.97
C TYR B 56 -3.58 -24.80 6.64
N PHE B 57 -3.20 -23.77 5.89
CA PHE B 57 -2.26 -22.78 6.38
C PHE B 57 -2.85 -21.97 7.54
N LYS B 58 -4.04 -21.40 7.34
CA LYS B 58 -4.71 -20.65 8.42
C LYS B 58 -4.68 -21.41 9.73
N GLU B 59 -4.86 -22.73 9.67
CA GLU B 59 -5.00 -23.51 10.92
C GLU B 59 -3.69 -24.18 11.36
N ALA B 60 -2.60 -23.96 10.64
CA ALA B 60 -1.30 -24.54 11.07
C ALA B 60 -0.91 -23.89 12.39
N LYS B 61 -0.93 -22.56 12.47
CA LYS B 61 -0.70 -21.83 13.74
C LYS B 61 0.78 -21.77 14.15
N PHE B 62 1.57 -22.81 13.90
CA PHE B 62 2.97 -22.81 14.40
C PHE B 62 3.91 -23.38 13.35
N GLY B 63 5.09 -22.77 13.20
CA GLY B 63 6.03 -23.21 12.16
C GLY B 63 7.47 -22.88 12.48
N LEU B 64 8.40 -23.60 11.85
CA LEU B 64 9.83 -23.39 12.06
C LEU B 64 10.44 -22.57 10.94
N PHE B 65 11.19 -21.54 11.30
CA PHE B 65 11.99 -20.75 10.36
C PHE B 65 13.46 -21.12 10.52
N ILE B 66 14.16 -21.25 9.40
CA ILE B 66 15.57 -21.65 9.40
C ILE B 66 16.36 -20.68 8.55
N HIS B 67 17.35 -20.01 9.16
CA HIS B 67 18.27 -19.13 8.48
C HIS B 67 19.68 -19.73 8.58
N TYR B 68 20.14 -20.36 7.50
CA TYR B 68 21.45 -20.97 7.47
C TYR B 68 22.13 -20.67 6.14
N GLY B 69 23.41 -20.32 6.20
CA GLY B 69 24.13 -19.97 4.99
C GLY B 69 25.50 -19.41 5.33
N LEU B 70 26.11 -18.75 4.34
CA LEU B 70 27.47 -18.25 4.49
C LEU B 70 27.57 -17.28 5.67
N TYR B 71 26.53 -16.48 5.89
CA TYR B 71 26.53 -15.52 6.99
C TYR B 71 26.69 -16.22 8.34
N SER B 72 26.21 -17.45 8.46
CA SER B 72 26.31 -18.17 9.73
C SER B 72 27.76 -18.44 10.11
N LEU B 73 28.65 -18.59 9.12
CA LEU B 73 30.05 -18.87 9.42
C LEU B 73 30.70 -17.69 10.13
N LEU B 74 30.34 -16.47 9.75
CA LEU B 74 30.81 -15.30 10.47
C LEU B 74 30.09 -15.13 11.80
N GLY B 75 28.93 -15.74 11.95
CA GLY B 75 28.19 -15.74 13.21
C GLY B 75 27.87 -14.37 13.75
N ARG B 76 27.63 -13.38 12.89
CA ARG B 76 27.24 -12.04 13.34
C ARG B 76 25.92 -11.57 12.70
N GLY B 77 25.06 -12.49 12.28
CA GLY B 77 23.81 -12.12 11.65
C GLY B 77 23.84 -12.24 10.13
N GLU B 78 22.65 -12.29 9.55
CA GLU B 78 22.46 -12.57 8.13
C GLU B 78 22.70 -11.37 7.23
N TRP B 79 22.82 -10.16 7.78
CA TRP B 79 23.06 -8.96 6.99
C TRP B 79 24.54 -8.56 7.02
N VAL B 80 25.42 -9.49 7.38
CA VAL B 80 26.82 -9.15 7.64
C VAL B 80 27.53 -8.62 6.40
N GLN B 81 27.14 -9.09 5.21
CA GLN B 81 27.77 -8.57 3.99
C GLN B 81 27.50 -7.09 3.83
N LEU B 82 26.28 -6.65 4.10
CA LEU B 82 25.96 -5.24 4.07
C LEU B 82 26.58 -4.51 5.26
N GLN B 83 26.33 -5.01 6.47
CA GLN B 83 26.76 -4.33 7.68
C GLN B 83 28.28 -4.34 7.82
N GLY B 84 28.95 -5.32 7.24
CA GLY B 84 30.39 -5.39 7.24
C GLY B 84 31.06 -4.82 6.00
N LYS B 85 30.28 -4.28 5.06
CA LYS B 85 30.80 -3.74 3.80
C LYS B 85 31.71 -4.73 3.07
N ILE B 86 31.50 -6.02 3.28
CA ILE B 86 32.33 -7.05 2.68
C ILE B 86 32.19 -7.03 1.17
N PRO B 87 33.27 -6.78 0.42
CA PRO B 87 33.18 -6.82 -1.05
C PRO B 87 32.75 -8.20 -1.54
N VAL B 88 32.06 -8.19 -2.68
CA VAL B 88 31.48 -9.41 -3.24
C VAL B 88 32.52 -10.51 -3.40
N ARG B 89 33.73 -10.17 -3.87
CA ARG B 89 34.72 -11.21 -4.12
C ARG B 89 35.26 -11.77 -2.81
N GLU B 90 35.48 -10.91 -1.81
CA GLU B 90 35.91 -11.37 -0.50
C GLU B 90 34.85 -12.25 0.14
N TYR B 91 33.58 -11.79 0.14
CA TYR B 91 32.50 -12.55 0.75
C TYR B 91 32.36 -13.93 0.11
N ALA B 92 32.51 -14.01 -1.21
CA ALA B 92 32.35 -15.28 -1.91
C ALA B 92 33.35 -16.34 -1.45
N LYS B 93 34.44 -15.93 -0.79
CA LYS B 93 35.42 -16.91 -0.31
C LYS B 93 34.82 -17.81 0.77
N LEU B 94 33.79 -17.33 1.48
CA LEU B 94 33.19 -18.10 2.56
C LEU B 94 32.68 -19.45 2.09
N GLU B 95 32.48 -19.63 0.79
CA GLU B 95 32.04 -20.92 0.27
C GLU B 95 33.09 -22.00 0.49
N ASN B 96 34.36 -21.62 0.52
CA ASN B 96 35.43 -22.61 0.65
C ASN B 96 35.43 -23.32 2.01
N ASP B 97 34.78 -22.73 3.02
CA ASP B 97 34.68 -23.34 4.34
C ASP B 97 33.27 -23.81 4.68
N PHE B 98 32.35 -23.71 3.72
CA PHE B 98 30.95 -24.16 3.97
C PHE B 98 30.86 -25.67 3.81
N THR B 99 30.77 -26.40 4.92
CA THR B 99 30.74 -27.87 4.86
C THR B 99 29.36 -28.40 5.28
N ALA B 100 28.75 -27.78 6.27
CA ALA B 100 27.40 -28.19 6.74
C ALA B 100 27.47 -29.62 7.25
N LYS B 101 28.56 -29.97 7.92
CA LYS B 101 28.76 -31.36 8.41
C LYS B 101 27.64 -31.78 9.37
N ASN B 102 27.02 -30.84 10.08
CA ASN B 102 26.03 -31.22 11.13
C ASN B 102 24.61 -30.75 10.78
N PHE B 103 24.29 -30.63 9.48
CA PHE B 103 22.91 -30.27 9.10
C PHE B 103 22.10 -31.55 8.92
N ASP B 104 21.27 -31.90 9.91
CA ASP B 104 20.47 -33.16 9.82
C ASP B 104 19.00 -32.85 9.59
N ALA B 105 18.57 -32.86 8.33
CA ALA B 105 17.17 -32.65 8.02
C ALA B 105 16.28 -33.60 8.82
N ASP B 106 16.81 -34.76 9.21
CA ASP B 106 16.05 -35.70 10.03
C ASP B 106 15.86 -35.15 11.44
N PHE B 107 16.93 -34.62 12.03
CA PHE B 107 16.83 -34.05 13.38
C PHE B 107 15.97 -32.79 13.39
N ILE B 108 16.12 -31.93 12.38
CA ILE B 108 15.37 -30.68 12.35
C ILE B 108 13.86 -30.95 12.32
N THR B 109 13.42 -31.78 11.37
CA THR B 109 12.00 -32.04 11.19
C THR B 109 11.39 -32.72 12.41
N ASP B 110 12.15 -33.59 13.08
CA ASP B 110 11.66 -34.20 14.30
C ASP B 110 11.48 -33.16 15.40
N MET B 111 12.50 -32.31 15.61
CA MET B 111 12.39 -31.25 16.60
C MET B 111 11.13 -30.42 16.38
N ALA B 112 10.86 -30.04 15.13
CA ALA B 112 9.66 -29.29 14.82
C ALA B 112 8.41 -30.04 15.25
N LEU B 113 8.33 -31.32 14.90
CA LEU B 113 7.19 -32.14 15.28
C LEU B 113 7.04 -32.19 16.80
N GLU B 114 8.12 -32.53 17.52
CA GLU B 114 8.07 -32.56 18.97
C GLU B 114 7.60 -31.22 19.53
N ALA B 115 8.11 -30.11 18.97
CA ALA B 115 7.74 -28.79 19.45
C ALA B 115 6.29 -28.42 19.13
N GLY B 116 5.62 -29.19 18.29
CA GLY B 116 4.23 -28.92 17.96
C GLY B 116 4.04 -28.04 16.74
N MET B 117 5.08 -27.81 15.94
CA MET B 117 4.95 -27.06 14.71
C MET B 117 4.42 -27.96 13.60
N LYS B 118 3.69 -27.36 12.66
CA LYS B 118 3.11 -28.11 11.56
C LYS B 118 3.82 -27.90 10.23
N TYR B 119 4.77 -26.97 10.14
CA TYR B 119 5.45 -26.73 8.88
C TYR B 119 6.83 -26.12 9.13
N VAL B 120 7.63 -26.07 8.07
CA VAL B 120 9.03 -25.70 8.12
C VAL B 120 9.33 -24.72 6.99
N ASN B 121 10.19 -23.74 7.27
CA ASN B 121 10.57 -22.71 6.31
C ASN B 121 12.08 -22.54 6.34
N ILE B 122 12.72 -22.63 5.17
CA ILE B 122 14.17 -22.49 5.07
C ILE B 122 14.51 -21.43 4.03
N THR B 123 15.55 -20.64 4.33
CA THR B 123 16.14 -19.71 3.38
C THR B 123 16.84 -20.50 2.29
N THR B 124 16.19 -20.62 1.12
CA THR B 124 16.87 -21.25 -0.01
C THR B 124 17.98 -20.37 -0.53
N ARG B 125 17.80 -19.04 -0.44
CA ARG B 125 18.79 -18.09 -0.93
C ARG B 125 18.45 -16.73 -0.35
N HIS B 126 19.37 -16.16 0.43
CA HIS B 126 19.14 -14.89 1.10
C HIS B 126 19.67 -13.75 0.22
N HIS B 127 19.79 -12.56 0.81
CA HIS B 127 20.26 -11.39 0.06
C HIS B 127 21.66 -11.60 -0.53
N ASP B 128 22.49 -12.42 0.10
CA ASP B 128 23.84 -12.67 -0.41
C ASP B 128 23.84 -13.55 -1.66
N SER B 129 22.71 -14.14 -2.02
CA SER B 129 22.48 -14.92 -3.23
C SER B 129 23.13 -16.31 -3.21
N PHE B 130 23.66 -16.73 -2.06
CA PHE B 130 24.15 -18.10 -1.94
C PHE B 130 22.98 -19.05 -1.79
N CYS B 131 23.00 -20.15 -2.54
CA CYS B 131 21.86 -21.06 -2.64
C CYS B 131 22.12 -22.36 -1.88
N LEU B 132 21.08 -22.83 -1.18
CA LEU B 132 21.10 -24.13 -0.50
C LEU B 132 20.56 -25.25 -1.38
N PHE B 133 20.45 -25.03 -2.68
CA PHE B 133 19.91 -26.02 -3.60
C PHE B 133 20.74 -26.02 -4.89
N GLU B 134 20.66 -27.13 -5.61
CA GLU B 134 21.35 -27.21 -6.90
C GLU B 134 20.62 -26.35 -7.92
N SER B 135 21.38 -25.51 -8.62
CA SER B 135 20.79 -24.59 -9.58
C SER B 135 21.61 -24.61 -10.87
N LYS B 136 20.91 -24.64 -11.99
CA LYS B 136 21.54 -24.60 -13.30
C LYS B 136 21.79 -23.17 -13.77
N TYR B 137 21.36 -22.17 -12.99
CA TYR B 137 21.53 -20.77 -13.32
C TYR B 137 22.59 -20.10 -12.46
N THR B 138 23.19 -20.82 -11.52
CA THR B 138 24.28 -20.30 -10.72
C THR B 138 25.11 -21.46 -10.19
N ASP B 139 26.40 -21.21 -10.05
CA ASP B 139 27.33 -22.16 -9.44
C ASP B 139 27.59 -21.85 -7.98
N PHE B 140 27.02 -20.75 -7.47
CA PHE B 140 27.21 -20.30 -6.09
C PHE B 140 26.26 -21.03 -5.14
N THR B 141 26.37 -22.37 -5.13
CA THR B 141 25.40 -23.20 -4.42
C THR B 141 26.10 -24.12 -3.44
N SER B 142 25.30 -24.65 -2.50
CA SER B 142 25.81 -25.60 -1.51
C SER B 142 26.20 -26.92 -2.15
N THR B 143 25.57 -27.28 -3.28
CA THR B 143 25.95 -28.50 -3.98
C THR B 143 27.36 -28.40 -4.54
N ASN B 144 27.75 -27.23 -5.02
CA ASN B 144 29.10 -27.04 -5.54
C ASN B 144 30.11 -26.73 -4.44
N SER B 145 29.66 -26.20 -3.31
CA SER B 145 30.52 -25.93 -2.17
C SER B 145 31.05 -27.24 -1.60
N PRO B 146 32.04 -27.18 -0.70
CA PRO B 146 32.53 -28.39 -0.01
C PRO B 146 31.42 -29.24 0.58
N ALA B 147 30.26 -28.63 0.87
CA ALA B 147 29.15 -29.40 1.42
C ALA B 147 28.66 -30.45 0.44
N LYS B 148 28.68 -30.12 -0.86
CA LYS B 148 28.30 -31.04 -1.93
C LYS B 148 26.89 -31.59 -1.73
N ARG B 149 26.03 -30.82 -1.07
CA ARG B 149 24.69 -31.27 -0.72
C ARG B 149 23.64 -30.29 -1.23
N ASP B 150 22.45 -30.84 -1.50
CA ASP B 150 21.26 -30.05 -1.83
C ASP B 150 20.41 -29.99 -0.57
N LEU B 151 20.61 -28.95 0.22
CA LEU B 151 19.95 -28.86 1.52
C LEU B 151 18.44 -28.71 1.39
N VAL B 152 17.97 -28.14 0.28
CA VAL B 152 16.54 -28.04 0.05
C VAL B 152 15.95 -29.43 -0.22
N ALA B 153 16.63 -30.23 -1.03
CA ALA B 153 16.17 -31.59 -1.29
C ALA B 153 16.14 -32.42 -0.01
N GLU B 154 17.22 -32.35 0.78
CA GLU B 154 17.28 -33.11 2.03
C GLU B 154 16.12 -32.73 2.95
N LEU B 155 15.90 -31.43 3.16
CA LEU B 155 14.81 -31.00 4.03
C LEU B 155 13.44 -31.31 3.44
N ALA B 156 13.30 -31.17 2.12
CA ALA B 156 12.00 -31.41 1.48
C ALA B 156 11.54 -32.85 1.68
N GLU B 157 12.42 -33.81 1.39
CA GLU B 157 12.06 -35.21 1.54
C GLU B 157 11.69 -35.53 2.99
N GLU B 158 12.46 -34.99 3.94
CA GLU B 158 12.15 -35.21 5.34
C GLU B 158 10.80 -34.64 5.74
N CYS B 159 10.36 -33.57 5.07
CA CYS B 159 9.04 -33.02 5.37
C CYS B 159 7.94 -33.86 4.73
N ARG B 160 8.08 -34.16 3.43
CA ARG B 160 7.09 -34.97 2.72
C ARG B 160 6.86 -36.30 3.42
N LYS B 161 7.94 -36.90 3.94
CA LYS B 161 7.81 -38.17 4.65
C LYS B 161 7.01 -38.00 5.94
N LYS B 162 7.16 -36.86 6.61
CA LYS B 162 6.63 -36.66 7.95
C LYS B 162 5.38 -35.78 7.97
N GLY B 163 4.79 -35.49 6.81
CA GLY B 163 3.57 -34.72 6.77
C GLY B 163 3.70 -33.25 7.11
N LEU B 164 4.92 -32.70 7.09
CA LEU B 164 5.13 -31.30 7.40
C LEU B 164 5.00 -30.44 6.15
N GLY B 165 4.33 -29.30 6.30
CA GLY B 165 4.30 -28.32 5.23
C GLY B 165 5.67 -27.71 5.01
N PHE B 166 6.00 -27.45 3.74
CA PHE B 166 7.32 -26.97 3.37
C PHE B 166 7.21 -25.66 2.61
N TYR B 167 7.81 -24.60 3.15
CA TYR B 167 7.79 -23.29 2.53
C TYR B 167 9.23 -22.83 2.30
N LEU B 168 9.43 -22.10 1.21
CA LEU B 168 10.75 -21.78 0.71
C LEU B 168 10.96 -20.26 0.73
N TYR B 169 11.85 -19.80 1.61
CA TYR B 169 12.30 -18.42 1.56
C TYR B 169 13.14 -18.21 0.30
N TYR B 170 12.84 -17.14 -0.44
CA TYR B 170 13.63 -16.77 -1.61
C TYR B 170 13.73 -15.25 -1.67
N SER B 171 14.96 -14.75 -1.72
CA SER B 171 15.19 -13.30 -1.74
C SER B 171 14.75 -12.71 -3.06
N HIS B 172 13.93 -11.66 -3.01
CA HIS B 172 13.33 -11.10 -4.22
C HIS B 172 13.74 -9.66 -4.47
N GLY B 173 13.38 -8.73 -3.59
CA GLY B 173 13.59 -7.31 -3.88
C GLY B 173 15.01 -6.83 -3.66
N ARG B 174 15.83 -7.60 -2.95
CA ARG B 174 17.21 -7.24 -2.67
C ARG B 174 18.12 -8.38 -3.12
N ASP B 175 19.22 -8.01 -3.78
CA ASP B 175 20.29 -8.96 -4.06
C ASP B 175 21.60 -8.21 -3.99
N TRP B 176 22.58 -8.80 -3.31
CA TRP B 176 23.87 -8.15 -3.06
C TRP B 176 24.99 -8.74 -3.90
N ARG B 177 24.67 -9.62 -4.86
CA ARG B 177 25.69 -10.20 -5.72
C ARG B 177 25.35 -10.03 -7.20
N HIS B 178 24.15 -10.45 -7.59
CA HIS B 178 23.73 -10.39 -8.98
C HIS B 178 23.96 -9.00 -9.55
N PRO B 179 24.69 -8.87 -10.67
CA PRO B 179 25.08 -7.53 -11.15
C PRO B 179 23.90 -6.68 -11.60
N HIS B 180 22.77 -7.27 -11.95
CA HIS B 180 21.66 -6.53 -12.52
C HIS B 180 20.57 -6.22 -11.50
N ALA B 181 20.73 -6.67 -10.26
CA ALA B 181 19.75 -6.44 -9.21
C ALA B 181 19.75 -4.97 -8.79
N PRO B 182 18.67 -4.50 -8.15
CA PRO B 182 18.54 -3.08 -7.80
C PRO B 182 19.77 -2.48 -7.11
N ASN B 183 20.18 -1.30 -7.59
CA ASN B 183 21.30 -0.55 -7.05
C ASN B 183 20.80 0.59 -6.16
N ASN B 184 21.74 1.16 -5.40
CA ASN B 184 21.39 2.11 -4.32
C ASN B 184 20.95 3.47 -4.82
N GLY B 185 21.17 3.80 -6.08
CA GLY B 185 20.65 5.05 -6.58
C GLY B 185 19.17 4.92 -6.88
N ASP B 186 18.86 4.02 -7.80
CA ASP B 186 17.49 3.87 -8.30
C ASP B 186 16.51 3.46 -7.19
N TRP B 187 16.90 2.54 -6.31
CA TRP B 187 15.95 1.98 -5.36
C TRP B 187 16.28 2.22 -3.89
N GLY B 188 16.51 3.47 -3.51
CA GLY B 188 16.84 3.75 -2.12
C GLY B 188 18.18 3.16 -1.72
N GLY B 189 18.54 3.40 -0.45
CA GLY B 189 19.86 3.09 0.01
C GLY B 189 20.12 1.68 0.51
N ASN B 190 19.09 0.84 0.65
CA ASN B 190 19.27 -0.47 1.26
C ASN B 190 19.33 -1.61 0.26
N ALA B 191 19.25 -1.32 -1.04
CA ALA B 191 19.27 -2.38 -2.04
C ALA B 191 20.58 -3.16 -1.99
N ARG B 192 21.70 -2.47 -1.88
CA ARG B 192 23.03 -3.06 -1.85
C ARG B 192 23.83 -2.44 -0.71
N PRO B 193 24.91 -3.10 -0.29
CA PRO B 193 25.78 -2.48 0.73
C PRO B 193 26.41 -1.20 0.20
N LYS B 194 26.49 -0.21 1.08
CA LYS B 194 26.98 1.12 0.68
C LYS B 194 28.50 1.08 0.69
N TYR B 195 29.06 0.53 -0.39
CA TYR B 195 30.50 0.42 -0.51
C TYR B 195 31.14 1.79 -0.64
N ASP B 196 32.44 1.86 -0.34
CA ASP B 196 33.16 3.11 -0.43
C ASP B 196 33.70 3.40 -1.83
N SER B 197 34.01 2.35 -2.59
CA SER B 197 34.31 2.45 -4.01
C SER B 197 33.40 1.49 -4.76
N PRO B 198 32.91 1.89 -5.94
CA PRO B 198 31.95 1.06 -6.69
C PRO B 198 32.37 -0.40 -6.78
N GLU B 199 31.43 -1.29 -6.48
CA GLU B 199 31.72 -2.72 -6.48
C GLU B 199 31.95 -3.22 -7.89
N PRO B 200 33.12 -3.79 -8.19
CA PRO B 200 33.39 -4.24 -9.56
C PRO B 200 32.46 -5.34 -10.06
N PHE B 201 31.88 -6.14 -9.17
CA PHE B 201 31.02 -7.22 -9.61
C PHE B 201 29.70 -6.69 -10.17
N TYR B 202 29.28 -5.52 -9.72
CA TYR B 202 28.04 -4.93 -10.20
C TYR B 202 28.24 -4.23 -11.53
N LYS B 203 27.27 -4.39 -12.43
CA LYS B 203 27.11 -3.45 -13.51
C LYS B 203 26.31 -2.25 -13.01
N TYR B 204 26.43 -1.12 -13.70
CA TYR B 204 25.79 0.10 -13.23
C TYR B 204 25.08 0.81 -14.38
N GLY B 205 24.18 1.71 -13.99
CA GLY B 205 23.47 2.58 -14.92
C GLY B 205 22.88 1.87 -16.12
N GLU B 206 23.14 2.45 -17.30
CA GLU B 206 22.75 1.86 -18.57
C GLU B 206 23.32 0.47 -18.82
N ASP B 207 24.41 0.09 -18.13
CA ASP B 207 24.93 -1.27 -18.27
C ASP B 207 24.09 -2.29 -17.52
N GLN B 208 23.19 -1.84 -16.65
CA GLN B 208 22.37 -2.70 -15.83
C GLN B 208 20.98 -2.80 -16.45
N ASP B 209 20.54 -4.02 -16.73
CA ASP B 209 19.19 -4.28 -17.24
C ASP B 209 18.49 -5.18 -16.23
N LEU B 210 17.60 -4.58 -15.43
CA LEU B 210 16.90 -5.31 -14.37
C LEU B 210 16.25 -6.59 -14.86
N GLN B 211 15.83 -6.63 -16.13
CA GLN B 211 15.14 -7.81 -16.64
C GLN B 211 16.00 -9.07 -16.53
N ILE B 212 17.31 -8.92 -16.52
CA ILE B 212 18.20 -10.07 -16.30
C ILE B 212 17.97 -10.66 -14.92
N TYR B 213 17.83 -9.80 -13.90
CA TYR B 213 17.57 -10.29 -12.56
C TYR B 213 16.14 -10.83 -12.43
N VAL B 214 15.16 -10.06 -12.91
CA VAL B 214 13.77 -10.51 -12.88
C VAL B 214 13.64 -11.90 -13.47
N GLU B 215 14.20 -12.10 -14.67
CA GLU B 215 14.15 -13.41 -15.30
C GLU B 215 14.97 -14.43 -14.53
N PHE B 216 16.07 -14.02 -13.91
CA PHE B 216 16.92 -14.97 -13.18
C PHE B 216 16.17 -15.59 -12.02
N MET B 217 15.42 -14.80 -11.25
CA MET B 217 14.60 -15.37 -10.19
C MET B 217 13.54 -16.29 -10.76
N LYS B 218 12.74 -15.77 -11.69
CA LYS B 218 11.66 -16.56 -12.28
C LYS B 218 12.18 -17.89 -12.82
N ASN B 219 13.42 -17.91 -13.27
CA ASN B 219 14.05 -19.18 -13.65
C ASN B 219 14.35 -20.02 -12.42
N GLN B 220 14.82 -19.40 -11.33
CA GLN B 220 15.16 -20.13 -10.13
C GLN B 220 13.92 -20.67 -9.42
N ILE B 221 12.85 -19.86 -9.32
CA ILE B 221 11.63 -20.36 -8.69
C ILE B 221 11.07 -21.52 -9.50
N THR B 222 11.25 -21.52 -10.83
CA THR B 222 10.86 -22.67 -11.63
C THR B 222 11.62 -23.93 -11.18
N GLU B 223 12.89 -23.77 -10.81
CA GLU B 223 13.66 -24.90 -10.32
C GLU B 223 13.13 -25.40 -8.99
N LEU B 224 12.82 -24.48 -8.07
CA LEU B 224 12.41 -24.88 -6.73
C LEU B 224 11.05 -25.58 -6.74
N LEU B 225 10.14 -25.13 -7.61
CA LEU B 225 8.81 -25.70 -7.65
C LEU B 225 8.75 -27.06 -8.35
N THR B 226 9.77 -27.39 -9.15
CA THR B 226 9.72 -28.58 -10.00
C THR B 226 10.53 -29.75 -9.47
N ASN B 227 11.73 -29.49 -8.96
CA ASN B 227 12.67 -30.56 -8.61
C ASN B 227 12.52 -31.04 -7.18
N TYR B 228 11.54 -30.54 -6.42
CA TYR B 228 11.43 -30.86 -5.01
C TYR B 228 10.02 -31.29 -4.62
N GLY B 229 9.21 -31.72 -5.59
CA GLY B 229 7.88 -32.22 -5.31
C GLY B 229 6.90 -31.12 -4.94
N PRO B 230 5.77 -31.53 -4.36
CA PRO B 230 4.77 -30.53 -3.94
C PRO B 230 5.33 -29.65 -2.83
N VAL B 231 5.20 -28.34 -3.02
CA VAL B 231 5.77 -27.37 -2.10
C VAL B 231 4.65 -26.50 -1.52
N GLY B 232 4.83 -26.10 -0.25
CA GLY B 232 3.81 -25.32 0.41
C GLY B 232 3.69 -23.92 -0.15
N GLY B 233 4.81 -23.20 -0.21
CA GLY B 233 4.77 -21.85 -0.72
C GLY B 233 6.14 -21.30 -1.08
N ILE B 234 6.12 -20.25 -1.89
CA ILE B 234 7.31 -19.46 -2.21
C ILE B 234 7.26 -18.21 -1.35
N TRP B 235 8.24 -18.06 -0.46
CA TRP B 235 8.24 -17.05 0.60
C TRP B 235 9.20 -15.94 0.19
N LEU B 236 8.67 -14.91 -0.47
CA LEU B 236 9.51 -13.84 -0.99
C LEU B 236 9.80 -12.80 0.08
N ASP B 237 10.99 -12.21 0.01
CA ASP B 237 11.43 -11.21 0.95
C ASP B 237 12.09 -10.05 0.23
N GLY B 238 12.32 -8.97 0.96
CA GLY B 238 12.95 -7.78 0.41
C GLY B 238 11.99 -6.70 -0.02
N VAL B 239 10.79 -6.65 0.54
CA VAL B 239 9.70 -5.82 0.02
C VAL B 239 10.06 -4.33 0.08
N ALA B 240 10.92 -3.93 1.01
CA ALA B 240 11.17 -2.50 1.22
C ALA B 240 11.83 -1.85 0.02
N THR B 241 12.61 -2.60 -0.76
CA THR B 241 13.32 -2.00 -1.89
C THR B 241 12.39 -1.72 -3.07
N PRO B 242 11.65 -2.71 -3.59
CA PRO B 242 10.73 -2.39 -4.70
C PRO B 242 9.65 -1.38 -4.33
N ALA B 243 9.18 -1.37 -3.09
CA ALA B 243 8.13 -0.45 -2.66
C ALA B 243 8.66 0.95 -2.38
N SER B 244 9.98 1.15 -2.35
CA SER B 244 10.54 2.47 -2.12
C SER B 244 10.41 3.37 -3.35
N ARG B 245 10.13 2.80 -4.52
CA ARG B 245 9.94 3.53 -5.78
C ARG B 245 8.64 3.05 -6.42
N LYS B 246 7.52 3.64 -6.01
CA LYS B 246 6.21 3.09 -6.36
C LYS B 246 5.80 3.41 -7.80
N GLY B 247 6.53 4.30 -8.48
CA GLY B 247 6.38 4.42 -9.92
C GLY B 247 7.21 3.43 -10.69
N LYS B 248 8.18 2.81 -10.03
CA LYS B 248 9.04 1.77 -10.61
C LYS B 248 8.59 0.36 -10.27
N LEU B 249 7.59 0.20 -9.39
CA LEU B 249 7.16 -1.12 -8.94
C LEU B 249 6.91 -2.09 -10.10
N HIS B 250 6.38 -1.60 -11.22
CA HIS B 250 5.98 -2.50 -12.30
C HIS B 250 7.17 -3.11 -13.01
N LEU B 251 8.36 -2.53 -12.88
CA LEU B 251 9.54 -3.09 -13.56
C LEU B 251 9.92 -4.46 -13.05
N PHE B 252 9.47 -4.84 -11.85
CA PHE B 252 9.81 -6.14 -11.28
C PHE B 252 9.02 -7.29 -11.87
N GLU B 253 7.91 -7.04 -12.56
CA GLU B 253 7.04 -8.08 -13.09
C GLU B 253 6.64 -9.07 -12.00
N THR B 254 6.18 -8.54 -10.87
CA THR B 254 5.87 -9.39 -9.72
C THR B 254 4.57 -10.15 -9.92
N GLN B 255 3.54 -9.49 -10.45
CA GLN B 255 2.27 -10.17 -10.68
C GLN B 255 2.43 -11.33 -11.66
N GLU B 256 3.27 -11.14 -12.68
CA GLU B 256 3.60 -12.24 -13.58
C GLU B 256 4.32 -13.36 -12.86
N LEU B 257 5.09 -13.02 -11.82
CA LEU B 257 5.77 -14.05 -11.04
C LEU B 257 4.77 -14.90 -10.26
N TYR B 258 3.85 -14.26 -9.54
CA TYR B 258 2.80 -15.00 -8.83
C TYR B 258 2.03 -15.89 -9.78
N ASP B 259 1.64 -15.35 -10.94
CA ASP B 259 0.88 -16.12 -11.92
C ASP B 259 1.70 -17.30 -12.43
N HIS B 260 2.98 -17.07 -12.71
CA HIS B 260 3.86 -18.16 -13.11
C HIS B 260 3.99 -19.21 -12.02
N ILE B 261 4.01 -18.77 -10.75
CA ILE B 261 4.13 -19.71 -9.63
C ILE B 261 2.87 -20.55 -9.53
N HIS B 262 1.70 -19.92 -9.64
CA HIS B 262 0.44 -20.64 -9.53
C HIS B 262 0.28 -21.67 -10.64
N SER B 263 0.82 -21.39 -11.83
CA SER B 263 0.72 -22.32 -12.94
C SER B 263 1.58 -23.57 -12.74
N LEU B 264 2.62 -23.51 -11.92
CA LEU B 264 3.54 -24.64 -11.82
C LEU B 264 2.97 -25.76 -10.96
N GLN B 265 2.19 -25.45 -9.93
CA GLN B 265 1.50 -26.45 -9.13
C GLN B 265 0.20 -25.85 -8.64
N PRO B 266 -0.86 -26.65 -8.51
CA PRO B 266 -2.17 -26.10 -8.11
C PRO B 266 -2.21 -25.49 -6.72
N GLN B 267 -1.49 -26.06 -5.75
CA GLN B 267 -1.71 -25.72 -4.35
C GLN B 267 -0.64 -24.81 -3.76
N VAL B 268 0.41 -24.45 -4.51
CA VAL B 268 1.45 -23.62 -3.92
C VAL B 268 0.90 -22.23 -3.65
N LEU B 269 1.27 -21.68 -2.50
CA LEU B 269 0.95 -20.31 -2.14
C LEU B 269 2.14 -19.40 -2.48
N VAL B 270 1.88 -18.10 -2.51
CA VAL B 270 2.95 -17.12 -2.62
C VAL B 270 2.66 -15.98 -1.65
N SER B 271 3.64 -15.66 -0.81
CA SER B 271 3.58 -14.54 0.09
C SER B 271 4.77 -13.63 -0.16
N TYR B 272 4.63 -12.37 0.28
CA TYR B 272 5.67 -11.38 0.09
C TYR B 272 5.64 -10.44 1.28
N LYS B 273 5.96 -11.00 2.45
CA LYS B 273 5.96 -10.27 3.73
C LYS B 273 4.56 -9.71 3.94
N GLN B 274 4.41 -8.43 4.24
CA GLN B 274 3.10 -7.83 4.46
C GLN B 274 2.35 -7.58 3.15
N GLY B 275 2.98 -7.88 2.03
CA GLY B 275 2.35 -7.70 0.73
C GLY B 275 3.09 -6.64 -0.05
N LEU B 276 3.31 -6.87 -1.34
CA LEU B 276 3.90 -5.87 -2.21
C LEU B 276 2.89 -5.29 -3.19
N ILE B 277 2.09 -6.13 -3.81
CA ILE B 277 1.09 -5.71 -4.78
C ILE B 277 -0.33 -6.07 -4.34
N GLY B 278 -0.48 -6.59 -3.12
CA GLY B 278 -1.78 -6.82 -2.53
C GLY B 278 -2.48 -8.10 -2.94
N THR B 279 -1.93 -8.86 -3.89
CA THR B 279 -2.60 -10.05 -4.42
C THR B 279 -1.94 -11.34 -3.96
N GLU B 280 -1.20 -11.31 -2.87
CA GLU B 280 -0.55 -12.50 -2.36
C GLU B 280 -1.56 -13.39 -1.63
N ASP B 281 -1.19 -14.66 -1.46
CA ASP B 281 -2.10 -15.61 -0.83
C ASP B 281 -2.12 -15.48 0.69
N PHE B 282 -1.03 -15.00 1.28
CA PHE B 282 -1.09 -14.60 2.69
C PHE B 282 -0.04 -13.52 2.92
N LYS B 283 -0.13 -12.90 4.09
CA LYS B 283 0.75 -11.82 4.49
C LYS B 283 1.63 -12.28 5.63
N ALA B 284 2.94 -12.07 5.50
CA ALA B 284 3.93 -12.52 6.49
C ALA B 284 4.68 -11.31 7.04
N PRO B 285 4.04 -10.48 7.85
CA PRO B 285 4.78 -9.39 8.50
C PRO B 285 5.75 -9.93 9.54
N GLU B 286 6.80 -9.16 9.79
CA GLU B 286 7.73 -9.51 10.86
C GLU B 286 7.14 -9.10 12.20
N ARG B 287 6.96 -10.08 13.08
CA ARG B 287 6.63 -9.87 14.49
C ARG B 287 5.21 -9.37 14.72
N HIS B 288 4.77 -8.31 14.03
CA HIS B 288 3.46 -7.74 14.33
C HIS B 288 2.86 -7.10 13.09
N PHE B 289 1.54 -6.97 13.11
CA PHE B 289 0.79 -6.31 12.04
C PHE B 289 -0.38 -5.55 12.64
N LYS B 290 -0.49 -4.26 12.32
CA LYS B 290 -1.58 -3.42 12.79
C LYS B 290 -2.63 -3.27 11.69
N GLY B 291 -3.90 -3.35 12.06
CA GLY B 291 -4.97 -3.46 11.10
C GLY B 291 -5.33 -4.91 10.84
N THR B 292 -6.18 -5.10 9.83
CA THR B 292 -6.65 -6.42 9.45
C THR B 292 -6.33 -6.67 7.98
N SER B 293 -6.45 -7.95 7.58
CA SER B 293 -5.99 -8.40 6.28
C SER B 293 -7.06 -9.25 5.60
N ASP B 294 -7.10 -9.15 4.27
CA ASP B 294 -7.99 -9.99 3.47
C ASP B 294 -7.66 -11.47 3.63
N VAL B 295 -6.40 -11.78 3.95
CA VAL B 295 -5.84 -13.11 3.76
C VAL B 295 -5.32 -13.68 5.08
N PRO B 296 -4.85 -14.94 5.11
CA PRO B 296 -4.19 -15.45 6.32
C PRO B 296 -2.98 -14.60 6.72
N LEU B 297 -2.72 -14.59 8.03
CA LEU B 297 -1.60 -13.85 8.61
C LEU B 297 -0.56 -14.81 9.19
N GLU B 298 0.72 -14.45 9.06
CA GLU B 298 1.81 -15.20 9.68
C GLU B 298 2.84 -14.22 10.23
N PHE B 299 3.00 -14.20 11.55
CA PHE B 299 4.05 -13.43 12.20
C PHE B 299 5.31 -14.27 12.31
N CYS B 300 6.44 -13.70 11.86
CA CYS B 300 7.74 -14.36 12.01
C CYS B 300 8.55 -13.63 13.07
N ASP B 301 9.13 -14.40 14.00
CA ASP B 301 9.92 -13.85 15.09
C ASP B 301 11.09 -14.78 15.39
N THR B 302 12.04 -14.29 16.17
CA THR B 302 13.31 -15.04 16.39
C THR B 302 13.47 -15.56 17.82
N LEU B 303 14.27 -16.62 17.99
CA LEU B 303 14.59 -17.15 19.33
C LEU B 303 15.82 -16.38 19.81
N GLN B 304 16.47 -15.67 18.89
CA GLN B 304 17.60 -14.80 19.28
C GLN B 304 17.03 -13.38 19.32
N PRO B 305 17.57 -12.47 20.15
CA PRO B 305 17.11 -11.10 20.12
C PRO B 305 17.41 -10.35 18.81
N TRP B 306 16.42 -10.16 17.95
CA TRP B 306 16.57 -9.33 16.72
C TRP B 306 17.29 -10.04 15.56
N LYS B 307 18.24 -10.93 15.84
CA LYS B 307 19.04 -11.52 14.74
C LYS B 307 18.43 -12.85 14.28
N TRP B 308 18.33 -13.04 12.97
CA TRP B 308 17.71 -14.26 12.38
C TRP B 308 18.81 -15.27 12.10
N GLY B 309 19.96 -14.80 11.65
CA GLY B 309 21.11 -15.69 11.44
C GLY B 309 21.89 -15.86 12.73
N TYR B 310 22.84 -16.79 12.76
CA TYR B 310 23.56 -17.08 14.03
C TYR B 310 24.38 -15.89 14.48
N ASP B 311 24.12 -15.38 15.67
CA ASP B 311 24.94 -14.34 16.27
C ASP B 311 25.56 -14.93 17.54
N LYS B 312 26.86 -15.21 17.48
CA LYS B 312 27.51 -15.85 18.63
C LYS B 312 27.56 -14.90 19.82
N SER B 313 27.69 -13.60 19.58
CA SER B 313 27.71 -12.63 20.66
C SER B 313 26.41 -12.62 21.46
N LEU B 314 25.41 -13.38 21.03
CA LEU B 314 24.12 -13.48 21.69
C LEU B 314 23.98 -14.79 22.46
N ASP B 315 25.06 -15.57 22.57
CA ASP B 315 25.01 -16.81 23.32
C ASP B 315 24.65 -16.53 24.77
N GLY B 316 23.83 -17.41 25.35
CA GLY B 316 23.32 -17.15 26.69
C GLY B 316 22.21 -16.14 26.75
N LYS B 317 21.65 -15.75 25.60
CA LYS B 317 20.62 -14.72 25.54
C LYS B 317 19.42 -15.12 24.69
N HIS B 318 19.28 -16.40 24.37
CA HIS B 318 18.14 -16.85 23.57
C HIS B 318 16.84 -16.82 24.38
N LYS B 319 15.73 -16.73 23.66
CA LYS B 319 14.42 -16.69 24.29
C LYS B 319 14.10 -18.02 24.97
N THR B 320 13.18 -17.95 25.93
CA THR B 320 12.77 -19.09 26.74
C THR B 320 11.35 -19.51 26.35
N ALA B 321 11.03 -20.78 26.63
CA ALA B 321 9.71 -21.33 26.32
C ALA B 321 8.59 -20.45 26.86
N ASP B 322 8.81 -19.78 28.00
CA ASP B 322 7.77 -18.91 28.54
C ASP B 322 7.59 -17.68 27.66
N GLN B 323 8.66 -17.22 27.00
CA GLN B 323 8.53 -16.16 26.01
C GLN B 323 7.93 -16.67 24.71
N VAL B 324 8.26 -17.90 24.31
CA VAL B 324 7.66 -18.49 23.13
C VAL B 324 6.15 -18.65 23.32
N MET B 325 5.75 -19.13 24.50
CA MET B 325 4.33 -19.17 24.84
C MET B 325 3.69 -17.80 24.71
N GLU B 326 4.41 -16.75 25.14
CA GLU B 326 3.94 -15.38 24.94
C GLU B 326 3.76 -15.09 23.46
N MET B 327 4.79 -15.40 22.65
CA MET B 327 4.72 -15.15 21.22
C MET B 327 3.52 -15.84 20.58
N LEU B 328 3.29 -17.10 20.96
CA LEU B 328 2.14 -17.84 20.45
C LEU B 328 0.83 -17.18 20.86
N SER B 329 0.70 -16.86 22.16
CA SER B 329 -0.51 -16.20 22.66
C SER B 329 -0.83 -14.94 21.86
N LYS B 330 0.14 -14.02 21.78
CA LYS B 330 -0.03 -12.80 20.99
C LYS B 330 -0.54 -13.13 19.58
N ALA B 331 0.02 -14.17 18.95
CA ALA B 331 -0.34 -14.48 17.58
C ALA B 331 -1.81 -14.92 17.46
N ASN B 332 -2.28 -15.75 18.40
CA ASN B 332 -3.65 -16.26 18.35
C ASN B 332 -4.65 -15.11 18.43
N LYS B 333 -4.33 -14.13 19.28
CA LYS B 333 -5.19 -12.93 19.30
C LYS B 333 -5.26 -12.39 17.88
N MET B 334 -4.14 -12.37 17.15
CA MET B 334 -4.17 -11.77 15.82
C MET B 334 -4.74 -12.69 14.73
N ASP B 335 -5.22 -13.88 15.07
CA ASP B 335 -5.63 -14.90 14.07
C ASP B 335 -4.49 -15.17 13.09
N ALA B 336 -3.29 -15.35 13.64
CA ALA B 336 -2.09 -15.53 12.85
C ALA B 336 -1.30 -16.74 13.33
N ASN B 337 -0.54 -17.32 12.41
CA ASN B 337 0.44 -18.33 12.75
C ASN B 337 1.67 -17.70 13.40
N LEU B 338 2.47 -18.53 14.05
CA LEU B 338 3.79 -18.13 14.53
C LEU B 338 4.85 -18.87 13.73
N LEU B 339 5.67 -18.12 13.01
CA LEU B 339 6.84 -18.66 12.31
C LEU B 339 8.07 -18.31 13.13
N LEU B 340 8.57 -19.28 13.88
CA LEU B 340 9.63 -19.06 14.86
C LEU B 340 10.97 -19.50 14.29
N ASN B 341 11.98 -18.64 14.42
CA ASN B 341 13.23 -18.82 13.71
C ASN B 341 14.29 -19.46 14.59
N VAL B 342 15.04 -20.39 14.01
CA VAL B 342 16.32 -20.82 14.53
C VAL B 342 17.38 -20.45 13.51
N GLY B 343 18.50 -19.89 13.98
CA GLY B 343 19.62 -19.63 13.13
C GLY B 343 20.77 -20.55 13.48
N PRO B 344 20.95 -21.60 12.69
CA PRO B 344 21.92 -22.64 13.03
C PRO B 344 23.35 -22.10 13.11
N LEU B 345 24.19 -22.89 13.76
CA LEU B 345 25.62 -22.62 13.91
C LEU B 345 26.36 -23.00 12.62
N PRO B 346 27.58 -22.47 12.43
CA PRO B 346 28.26 -22.61 11.11
C PRO B 346 28.30 -24.01 10.54
N ASP B 347 28.28 -25.03 11.39
CA ASP B 347 28.35 -26.41 10.97
C ASP B 347 27.02 -26.99 10.50
N GLY B 348 25.92 -26.28 10.76
CA GLY B 348 24.59 -26.75 10.42
C GLY B 348 23.80 -27.29 11.60
N SER B 349 24.35 -27.23 12.81
CA SER B 349 23.64 -27.72 13.97
C SER B 349 22.82 -26.60 14.60
N ILE B 350 21.73 -26.97 15.21
CA ILE B 350 20.83 -26.04 15.88
C ILE B 350 21.37 -25.73 17.26
N HIS B 351 21.29 -24.45 17.63
CA HIS B 351 21.81 -23.99 18.92
C HIS B 351 21.29 -24.87 20.05
N PRO B 352 22.12 -25.18 21.05
CA PRO B 352 21.63 -25.97 22.19
C PRO B 352 20.56 -25.24 22.98
N GLU B 353 20.62 -23.90 22.99
CA GLU B 353 19.59 -23.11 23.65
C GLU B 353 18.26 -23.26 22.93
N ASP B 354 18.27 -23.21 21.59
CA ASP B 354 17.04 -23.35 20.84
C ASP B 354 16.48 -24.75 20.98
N VAL B 355 17.36 -25.75 21.09
CA VAL B 355 16.94 -27.12 21.33
C VAL B 355 16.19 -27.22 22.65
N LYS B 356 16.74 -26.59 23.69
CA LYS B 356 16.10 -26.62 25.00
C LYS B 356 14.74 -25.94 24.98
N THR B 357 14.68 -24.72 24.44
CA THR B 357 13.44 -23.97 24.39
C THR B 357 12.38 -24.71 23.57
N LEU B 358 12.77 -25.18 22.38
CA LEU B 358 11.82 -25.83 21.50
C LEU B 358 11.34 -27.15 22.07
N ALA B 359 12.22 -27.88 22.75
CA ALA B 359 11.79 -29.13 23.34
C ALA B 359 10.69 -28.90 24.36
N GLU B 360 10.76 -27.78 25.07
CA GLU B 360 9.74 -27.57 26.13
C GLU B 360 8.49 -27.00 25.49
N VAL B 361 8.64 -26.04 24.57
CA VAL B 361 7.45 -25.41 24.02
C VAL B 361 6.46 -26.50 23.58
N GLY B 362 6.98 -27.62 23.07
CA GLY B 362 6.11 -28.72 22.64
C GLY B 362 5.37 -29.40 23.78
N ARG B 363 6.07 -29.72 24.88
CA ARG B 363 5.44 -30.44 25.98
C ARG B 363 4.49 -29.53 26.77
N LYS B 364 4.88 -28.26 26.95
CA LYS B 364 3.94 -27.29 27.52
C LYS B 364 2.70 -27.16 26.64
N LEU B 365 2.86 -27.31 25.32
CA LEU B 365 1.74 -27.16 24.40
C LEU B 365 0.81 -28.37 24.47
N LYS B 366 1.38 -29.58 24.41
CA LYS B 366 0.56 -30.79 24.47
C LYS B 366 -0.03 -31.04 25.84
N ALA B 367 0.23 -30.16 26.81
CA ALA B 367 -0.40 -30.24 28.12
C ALA B 367 -1.63 -29.35 28.18
#